data_1ATT
#
_entry.id   1ATT
#
_cell.length_a   91.300
_cell.length_b   91.300
_cell.length_c   383.100
_cell.angle_alpha   90.00
_cell.angle_beta   90.00
_cell.angle_gamma   90.00
#
_symmetry.space_group_name_H-M   'P 43 21 2'
#
_entity_poly.entity_id   1
_entity_poly.type   'polypeptide(L)'
_entity_poly.pdbx_seq_one_letter_code
;VEDVCTAKPRDIPVNPMCIYRSSEKKATEGQGSEQKIPGATNRRVWELSKANSHFATAFYQHLADSKNNNDNIFLSPLSI
STAFAMTKLGACNNTLTQLMEVFKFDTISEKTSDQIHFFFAKLNCRLYRKANKSSELVSANRLFGDKSITFNETYQDISE
VVYGAKLQPLDFKGNAEQSRLTINQWISNKTEGRITDVIPPQAINEFTVLVLVNTIYFKGLWKSKFSPENTRKELFYKAD
GESCSVLMMYQESKFRYRRVAESTQVLELPFKGDDITMVLILPKLEKTLAKVEQELTPDMLQEWLDELTETLLVVHMPRF
RIEDSFSVKEQLQDMGLEDLFSPEKSRLPGIVAEGRSDLYVSDAFHKAFLEVNEEGSEAAASTVISIAGRSLNSDRVTFK
ANRPFLVLIREVALNTIIFMGRVANPCVD
;
_entity_poly.pdbx_strand_id   A,B
#
# COMPACT_ATOMS: atom_id res chain seq x y z
N VAL A 1 -28.75 16.69 -36.32
CA VAL A 1 -28.08 16.55 -35.02
C VAL A 1 -27.66 15.09 -34.85
N GLU A 2 -26.42 14.93 -34.42
CA GLU A 2 -25.97 13.59 -34.08
C GLU A 2 -24.94 13.75 -32.98
N ASP A 3 -25.69 14.22 -31.97
CA ASP A 3 -25.14 14.39 -30.65
C ASP A 3 -23.87 15.23 -30.59
N VAL A 4 -23.26 15.12 -29.41
CA VAL A 4 -22.06 15.85 -29.04
C VAL A 4 -20.82 15.49 -29.83
N CYS A 5 -20.71 14.16 -29.96
CA CYS A 5 -19.57 13.50 -30.51
C CYS A 5 -18.87 14.28 -31.61
N THR A 6 -19.63 14.58 -32.73
CA THR A 6 -19.00 15.31 -33.84
C THR A 6 -19.76 16.60 -34.15
N ALA A 7 -20.28 17.19 -33.07
CA ALA A 7 -21.07 18.45 -33.10
C ALA A 7 -20.89 19.19 -34.43
N LYS A 8 -19.95 20.10 -34.37
CA LYS A 8 -19.45 20.95 -35.45
C LYS A 8 -17.97 21.01 -35.12
N PRO A 9 -17.14 22.04 -35.33
CA PRO A 9 -15.84 21.94 -34.67
C PRO A 9 -16.31 21.79 -33.19
N ARG A 10 -15.65 21.27 -32.11
CA ARG A 10 -16.48 21.21 -30.78
C ARG A 10 -15.73 21.38 -29.42
N ASP A 11 -16.48 21.03 -28.30
CA ASP A 11 -15.98 20.73 -26.94
C ASP A 11 -17.17 20.42 -26.02
N ILE A 12 -16.87 19.54 -25.08
CA ILE A 12 -17.85 18.93 -24.17
C ILE A 12 -17.68 19.32 -22.68
N PRO A 13 -18.80 19.37 -21.91
CA PRO A 13 -18.79 19.63 -20.46
C PRO A 13 -18.13 18.53 -19.59
N VAL A 14 -17.00 17.80 -20.10
CA VAL A 14 -16.62 16.62 -19.31
C VAL A 14 -15.53 16.96 -18.30
N ASN A 15 -15.98 16.96 -17.06
CA ASN A 15 -15.13 17.16 -15.88
C ASN A 15 -15.93 16.74 -14.66
N PRO A 16 -15.80 15.48 -14.25
CA PRO A 16 -16.42 14.98 -13.04
C PRO A 16 -15.71 15.49 -11.81
N MET A 17 -16.05 14.87 -10.70
CA MET A 17 -15.52 15.20 -9.36
C MET A 17 -14.03 14.81 -9.20
N CYS A 18 -13.67 13.67 -9.75
CA CYS A 18 -12.30 13.15 -9.57
C CYS A 18 -11.75 12.64 -10.88
N ILE A 19 -10.41 12.56 -10.84
CA ILE A 19 -9.70 12.19 -12.04
C ILE A 19 -8.62 11.21 -11.57
N TYR A 20 -8.24 10.23 -12.38
CA TYR A 20 -7.15 9.35 -12.03
C TYR A 20 -6.05 9.91 -12.91
N ARG A 21 -4.83 9.76 -12.39
CA ARG A 21 -3.56 10.11 -13.05
C ARG A 21 -3.34 11.58 -13.33
N ALA A 27 1.53 7.92 -17.36
CA ALA A 27 2.12 6.60 -17.56
C ALA A 27 1.05 5.60 -17.95
N THR A 28 1.19 5.15 -19.18
CA THR A 28 0.17 4.25 -19.72
C THR A 28 0.84 2.88 -19.76
N GLU A 29 0.17 1.88 -20.33
CA GLU A 29 0.71 0.53 -20.52
C GLU A 29 2.13 0.56 -21.13
N GLY A 30 2.37 1.55 -22.00
CA GLY A 30 3.70 1.82 -22.52
C GLY A 30 4.11 0.84 -23.61
N GLN A 31 4.23 -0.45 -23.30
CA GLN A 31 4.55 -1.36 -24.37
C GLN A 31 3.25 -1.68 -25.10
N GLY A 32 3.37 -1.56 -26.43
CA GLY A 32 2.30 -1.85 -27.35
C GLY A 32 1.07 -1.01 -27.04
N SER A 33 -0.06 -1.72 -26.92
CA SER A 33 -1.37 -1.11 -26.75
C SER A 33 -1.63 -0.05 -27.84
N GLU A 34 -1.41 -0.67 -29.03
CA GLU A 34 -1.34 -0.02 -30.33
C GLU A 34 -2.42 0.75 -31.08
N GLN A 35 -1.86 1.41 -32.10
CA GLN A 35 -2.62 2.23 -32.98
C GLN A 35 -2.25 1.86 -34.42
N LYS A 36 -3.25 1.83 -35.42
CA LYS A 36 -3.12 1.26 -36.77
C LYS A 36 -2.44 2.27 -37.71
N ILE A 37 -1.47 2.98 -37.14
CA ILE A 37 -0.70 4.09 -37.80
C ILE A 37 -1.70 5.16 -38.21
N PRO A 38 -2.72 5.27 -37.36
CA PRO A 38 -3.88 6.12 -37.58
C PRO A 38 -3.59 7.57 -37.30
N GLY A 39 -2.56 8.08 -37.93
CA GLY A 39 -2.17 9.49 -37.77
C GLY A 39 -3.40 10.39 -37.92
N ALA A 40 -3.95 10.69 -36.78
CA ALA A 40 -5.11 11.56 -36.61
C ALA A 40 -5.06 12.11 -35.18
N THR A 41 -5.52 13.24 -34.73
CA THR A 41 -5.30 13.87 -33.42
C THR A 41 -5.49 12.86 -32.25
N ASN A 42 -6.73 12.73 -31.90
CA ASN A 42 -7.09 11.82 -30.87
C ASN A 42 -7.23 10.45 -31.51
N ARG A 43 -6.20 9.71 -32.00
CA ARG A 43 -6.56 8.32 -32.30
C ARG A 43 -6.10 7.32 -31.24
N ARG A 44 -7.00 7.67 -30.31
CA ARG A 44 -7.21 7.15 -28.99
C ARG A 44 -8.31 6.17 -29.28
N VAL A 45 -9.42 6.57 -29.94
CA VAL A 45 -10.56 5.68 -30.16
C VAL A 45 -10.15 4.29 -30.59
N TRP A 46 -9.04 4.23 -31.31
CA TRP A 46 -8.43 2.98 -31.66
C TRP A 46 -8.03 2.26 -30.37
N GLU A 47 -7.11 2.77 -29.57
CA GLU A 47 -6.69 2.19 -28.28
C GLU A 47 -7.89 2.01 -27.32
N LEU A 48 -8.99 2.78 -27.43
CA LEU A 48 -10.17 2.54 -26.60
C LEU A 48 -10.67 1.20 -27.09
N SER A 49 -10.95 1.01 -28.39
CA SER A 49 -11.50 -0.25 -28.87
C SER A 49 -10.61 -1.40 -28.48
N LYS A 50 -9.29 -1.16 -28.52
CA LYS A 50 -8.35 -2.20 -28.14
C LYS A 50 -8.51 -2.46 -26.65
N ALA A 51 -8.64 -1.43 -25.81
CA ALA A 51 -8.71 -1.61 -24.38
C ALA A 51 -9.96 -2.39 -24.08
N ASN A 52 -11.05 -1.93 -24.69
CA ASN A 52 -12.36 -2.57 -24.60
C ASN A 52 -12.29 -4.00 -25.01
N SER A 53 -11.65 -4.32 -26.12
CA SER A 53 -11.59 -5.68 -26.54
C SER A 53 -10.71 -6.54 -25.65
N HIS A 54 -9.72 -5.97 -24.90
CA HIS A 54 -8.91 -6.77 -23.97
C HIS A 54 -9.81 -7.12 -22.83
N PHE A 55 -10.60 -6.18 -22.34
CA PHE A 55 -11.56 -6.49 -21.28
C PHE A 55 -12.50 -7.55 -21.80
N ALA A 56 -12.96 -7.51 -23.04
CA ALA A 56 -13.84 -8.51 -23.59
C ALA A 56 -13.25 -9.90 -23.50
N THR A 57 -11.94 -10.03 -23.75
CA THR A 57 -11.34 -11.34 -23.74
C THR A 57 -11.05 -11.78 -22.33
N ALA A 58 -10.65 -10.78 -21.56
CA ALA A 58 -10.36 -10.97 -20.17
C ALA A 58 -11.66 -11.32 -19.47
N PHE A 59 -12.78 -10.73 -19.79
CA PHE A 59 -14.03 -11.04 -19.15
C PHE A 59 -14.56 -12.37 -19.63
N TYR A 60 -14.42 -12.75 -20.90
CA TYR A 60 -14.89 -14.05 -21.36
C TYR A 60 -14.10 -15.15 -20.70
N GLN A 61 -12.77 -15.09 -20.70
CA GLN A 61 -11.95 -16.15 -20.13
C GLN A 61 -12.38 -16.46 -18.70
N HIS A 62 -12.58 -15.39 -17.91
CA HIS A 62 -13.17 -15.49 -16.60
C HIS A 62 -14.56 -16.07 -16.71
N LEU A 63 -15.59 -15.51 -17.32
CA LEU A 63 -16.93 -16.10 -17.32
C LEU A 63 -16.96 -17.54 -17.83
N ALA A 64 -16.12 -17.91 -18.78
CA ALA A 64 -16.17 -19.23 -19.38
C ALA A 64 -15.66 -20.29 -18.42
N ASP A 65 -14.68 -19.88 -17.63
CA ASP A 65 -14.14 -20.69 -16.58
C ASP A 65 -15.26 -20.85 -15.57
N SER A 66 -15.92 -19.80 -15.08
CA SER A 66 -17.01 -19.99 -14.14
C SER A 66 -18.11 -20.80 -14.78
N LYS A 67 -18.25 -20.96 -16.09
CA LYS A 67 -19.43 -21.60 -16.62
C LYS A 67 -19.09 -22.99 -17.06
N ASN A 68 -19.89 -23.93 -16.60
CA ASN A 68 -19.72 -25.32 -16.99
C ASN A 68 -19.56 -25.45 -18.51
N ASN A 69 -18.53 -26.14 -19.03
CA ASN A 69 -18.23 -26.26 -20.47
C ASN A 69 -19.28 -26.72 -21.45
N ASN A 70 -20.48 -27.08 -20.99
CA ASN A 70 -21.58 -27.59 -21.79
C ASN A 70 -22.75 -26.60 -21.82
N ASP A 71 -22.48 -25.44 -21.27
CA ASP A 71 -23.42 -24.37 -21.26
C ASP A 71 -22.95 -23.43 -22.33
N ASN A 72 -23.95 -22.69 -22.79
CA ASN A 72 -23.78 -21.66 -23.77
C ASN A 72 -23.48 -20.40 -22.97
N ILE A 73 -22.66 -19.55 -23.55
CA ILE A 73 -22.29 -18.25 -23.03
C ILE A 73 -22.64 -17.29 -24.18
N PHE A 74 -23.11 -16.07 -23.90
CA PHE A 74 -23.24 -15.03 -24.92
C PHE A 74 -23.40 -13.72 -24.21
N LEU A 75 -22.56 -12.71 -24.43
CA LEU A 75 -22.65 -11.45 -23.73
C LEU A 75 -22.33 -10.37 -24.71
N SER A 76 -22.34 -9.09 -24.37
CA SER A 76 -21.96 -8.06 -25.34
C SER A 76 -20.95 -7.26 -24.54
N PRO A 77 -19.68 -7.60 -24.61
CA PRO A 77 -18.63 -6.95 -23.86
C PRO A 77 -18.66 -5.43 -24.04
N LEU A 78 -19.13 -4.95 -25.21
CA LEU A 78 -19.32 -3.53 -25.44
C LEU A 78 -20.43 -3.06 -24.53
N SER A 79 -21.56 -3.78 -24.31
CA SER A 79 -22.59 -3.30 -23.39
C SER A 79 -22.01 -3.17 -22.02
N ILE A 80 -21.25 -4.19 -21.59
CA ILE A 80 -20.65 -4.19 -20.28
C ILE A 80 -19.65 -3.03 -20.20
N SER A 81 -18.74 -2.73 -21.13
CA SER A 81 -17.87 -1.59 -20.95
C SER A 81 -18.58 -0.23 -20.97
N THR A 82 -19.69 -0.10 -21.69
CA THR A 82 -20.40 1.16 -21.74
C THR A 82 -21.04 1.39 -20.38
N ALA A 83 -21.79 0.43 -19.84
CA ALA A 83 -22.58 0.67 -18.65
C ALA A 83 -21.69 0.94 -17.51
N PHE A 84 -20.51 0.30 -17.42
CA PHE A 84 -19.62 0.69 -16.33
C PHE A 84 -18.88 1.93 -16.67
N ALA A 85 -18.44 2.30 -17.86
CA ALA A 85 -17.80 3.59 -18.00
C ALA A 85 -18.77 4.72 -17.66
N MET A 86 -20.07 4.46 -17.73
CA MET A 86 -21.13 5.40 -17.39
C MET A 86 -21.07 5.60 -15.89
N THR A 87 -20.94 4.51 -15.09
CA THR A 87 -20.76 4.53 -13.62
C THR A 87 -19.42 5.15 -13.20
N LYS A 88 -18.32 4.98 -13.91
CA LYS A 88 -17.04 5.57 -13.57
C LYS A 88 -17.12 7.10 -13.64
N LEU A 89 -18.23 7.68 -14.06
CA LEU A 89 -18.35 9.12 -14.08
C LEU A 89 -18.45 9.51 -12.61
N GLY A 90 -19.16 8.69 -11.80
CA GLY A 90 -19.54 9.14 -10.46
C GLY A 90 -18.52 8.62 -9.42
N ALA A 91 -17.64 7.77 -9.90
CA ALA A 91 -16.61 7.16 -9.06
C ALA A 91 -15.59 8.18 -8.61
N CYS A 92 -14.82 7.72 -7.70
CA CYS A 92 -13.76 8.51 -7.17
C CYS A 92 -12.79 7.69 -6.34
N ASN A 93 -11.65 8.29 -6.16
CA ASN A 93 -10.50 7.76 -5.39
C ASN A 93 -10.08 6.37 -5.87
N ASN A 94 -10.37 5.31 -5.10
CA ASN A 94 -9.90 3.95 -5.48
C ASN A 94 -10.85 3.19 -6.38
N THR A 95 -12.10 3.50 -6.21
CA THR A 95 -13.17 2.94 -7.01
C THR A 95 -12.87 3.25 -8.48
N LEU A 96 -12.34 4.44 -8.68
CA LEU A 96 -11.97 4.94 -10.00
C LEU A 96 -10.70 4.22 -10.46
N THR A 97 -9.61 4.13 -9.60
CA THR A 97 -8.41 3.39 -9.97
C THR A 97 -8.81 2.01 -10.43
N GLN A 98 -9.74 1.34 -9.77
CA GLN A 98 -10.13 0.00 -10.19
C GLN A 98 -11.01 -0.01 -11.43
N LEU A 99 -12.00 0.86 -11.61
CA LEU A 99 -12.73 0.88 -12.85
C LEU A 99 -11.77 1.14 -14.03
N MET A 100 -10.78 2.04 -13.91
CA MET A 100 -9.83 2.26 -14.98
C MET A 100 -9.00 0.99 -15.13
N GLU A 101 -8.62 0.33 -14.08
CA GLU A 101 -7.77 -0.81 -14.23
C GLU A 101 -8.48 -2.04 -14.77
N VAL A 102 -9.65 -2.41 -14.33
CA VAL A 102 -10.29 -3.65 -14.74
C VAL A 102 -10.79 -3.58 -16.16
N PHE A 103 -11.44 -2.48 -16.47
CA PHE A 103 -11.94 -2.32 -17.79
C PHE A 103 -10.82 -1.88 -18.69
N LYS A 104 -9.54 -1.99 -18.32
CA LYS A 104 -8.44 -1.58 -19.15
C LYS A 104 -8.43 -0.12 -19.66
N PHE A 105 -9.30 0.80 -19.19
CA PHE A 105 -9.29 2.20 -19.59
C PHE A 105 -7.94 2.90 -19.38
N ASP A 106 -7.11 2.40 -18.45
CA ASP A 106 -5.77 2.92 -18.19
C ASP A 106 -4.80 2.76 -19.35
N THR A 107 -5.20 1.93 -20.31
CA THR A 107 -4.39 1.62 -21.48
C THR A 107 -4.48 2.74 -22.52
N ILE A 108 -5.62 3.45 -22.65
CA ILE A 108 -5.81 4.56 -23.58
C ILE A 108 -4.77 5.60 -23.27
N SER A 109 -4.03 6.09 -24.26
CA SER A 109 -2.95 7.01 -23.96
C SER A 109 -3.38 8.45 -23.84
N GLU A 110 -3.80 8.67 -22.63
CA GLU A 110 -4.14 9.99 -22.19
C GLU A 110 -3.62 9.92 -20.77
N LYS A 111 -3.43 11.08 -20.19
CA LYS A 111 -2.96 11.13 -18.82
C LYS A 111 -4.13 11.26 -17.85
N THR A 112 -5.40 11.24 -18.22
CA THR A 112 -6.42 11.59 -17.27
C THR A 112 -7.73 10.91 -17.52
N SER A 113 -8.25 10.29 -16.48
CA SER A 113 -9.51 9.57 -16.59
C SER A 113 -10.65 10.39 -17.16
N ASP A 114 -10.66 11.72 -17.05
CA ASP A 114 -11.78 12.48 -17.54
C ASP A 114 -11.85 12.33 -19.02
N GLN A 115 -10.70 12.17 -19.68
CA GLN A 115 -10.70 12.04 -21.11
C GLN A 115 -11.42 10.85 -21.71
N ILE A 116 -11.33 9.69 -21.04
CA ILE A 116 -11.92 8.46 -21.56
C ILE A 116 -13.38 8.63 -21.93
N HIS A 117 -14.13 9.39 -21.14
CA HIS A 117 -15.52 9.64 -21.46
C HIS A 117 -15.68 10.28 -22.82
N PHE A 118 -14.80 11.24 -23.18
CA PHE A 118 -14.93 11.86 -24.49
C PHE A 118 -14.70 10.77 -25.52
N PHE A 119 -13.60 10.04 -25.38
CA PHE A 119 -13.31 9.03 -26.37
C PHE A 119 -14.43 7.97 -26.41
N PHE A 120 -15.26 7.71 -25.39
CA PHE A 120 -16.32 6.73 -25.54
C PHE A 120 -17.38 7.36 -26.42
N ALA A 121 -17.71 8.63 -26.32
CA ALA A 121 -18.76 9.21 -27.16
C ALA A 121 -18.28 9.34 -28.59
N LYS A 122 -16.96 9.40 -28.75
CA LYS A 122 -16.39 9.43 -30.07
C LYS A 122 -16.56 8.04 -30.65
N LEU A 123 -16.15 6.93 -30.04
CA LEU A 123 -16.40 5.61 -30.60
C LEU A 123 -17.89 5.28 -30.68
N ASN A 124 -18.77 5.68 -29.76
CA ASN A 124 -20.19 5.37 -29.91
C ASN A 124 -20.80 6.07 -31.13
N CYS A 125 -20.49 7.34 -31.40
CA CYS A 125 -21.06 8.07 -32.53
C CYS A 125 -20.61 7.35 -33.83
N ARG A 126 -19.34 6.92 -33.83
CA ARG A 126 -18.67 6.22 -34.92
C ARG A 126 -19.14 4.76 -34.95
N LEU A 127 -20.20 4.39 -34.22
CA LEU A 127 -20.69 3.02 -34.20
C LEU A 127 -22.18 2.96 -34.45
N TYR A 128 -23.04 3.67 -33.76
CA TYR A 128 -24.46 3.48 -34.02
C TYR A 128 -25.00 4.38 -35.14
N ARG A 129 -24.10 4.78 -36.07
CA ARG A 129 -24.40 5.74 -37.13
C ARG A 129 -25.37 5.20 -38.17
N LYS A 130 -26.04 6.18 -38.75
CA LYS A 130 -26.98 5.97 -39.83
C LYS A 130 -26.61 5.31 -41.17
N ALA A 131 -26.63 3.99 -41.04
CA ALA A 131 -26.24 3.11 -42.10
C ALA A 131 -27.44 2.52 -42.82
N ASN A 132 -27.92 3.29 -43.80
CA ASN A 132 -29.09 2.87 -44.61
C ASN A 132 -28.83 1.77 -45.64
N LYS A 133 -28.03 0.79 -45.26
CA LYS A 133 -27.72 -0.37 -46.08
C LYS A 133 -27.37 -1.44 -45.01
N SER A 134 -26.21 -1.19 -44.42
CA SER A 134 -25.57 -2.11 -43.50
C SER A 134 -26.37 -3.04 -42.56
N SER A 135 -27.10 -2.50 -41.57
CA SER A 135 -27.61 -3.38 -40.57
C SER A 135 -28.49 -2.53 -39.69
N GLU A 136 -28.47 -2.82 -38.37
CA GLU A 136 -29.26 -2.11 -37.42
C GLU A 136 -28.56 -1.94 -36.07
N LEU A 137 -27.25 -1.82 -35.94
CA LEU A 137 -26.61 -1.67 -34.65
C LEU A 137 -27.03 -0.41 -33.89
N VAL A 138 -27.78 -0.52 -32.81
CA VAL A 138 -28.37 0.60 -32.10
C VAL A 138 -28.15 0.61 -30.57
N SER A 139 -28.02 1.69 -29.76
CA SER A 139 -27.89 1.57 -28.29
C SER A 139 -28.84 2.51 -27.58
N ALA A 140 -29.08 2.38 -26.27
CA ALA A 140 -29.98 3.29 -25.58
C ALA A 140 -29.61 3.22 -24.12
N ASN A 141 -29.16 4.31 -23.51
CA ASN A 141 -28.69 4.27 -22.16
C ASN A 141 -29.64 5.15 -21.41
N ARG A 142 -29.91 4.85 -20.16
CA ARG A 142 -30.88 5.61 -19.41
C ARG A 142 -30.46 5.57 -17.97
N LEU A 143 -30.72 6.54 -17.17
CA LEU A 143 -30.33 6.48 -15.80
C LEU A 143 -31.65 6.61 -15.11
N PHE A 144 -32.17 5.64 -14.36
CA PHE A 144 -33.46 5.77 -13.69
C PHE A 144 -33.13 5.94 -12.22
N GLY A 145 -33.57 6.94 -11.46
CA GLY A 145 -33.15 7.05 -10.07
C GLY A 145 -34.36 7.22 -9.19
N ASP A 146 -34.26 7.03 -7.87
CA ASP A 146 -35.41 7.13 -7.01
C ASP A 146 -35.83 8.58 -7.01
N LYS A 147 -37.15 8.88 -7.20
CA LYS A 147 -37.66 10.25 -7.29
C LYS A 147 -37.27 11.16 -6.15
N SER A 148 -37.03 10.53 -5.01
CA SER A 148 -36.75 11.24 -3.82
C SER A 148 -35.31 11.71 -3.66
N ILE A 149 -34.40 11.45 -4.58
CA ILE A 149 -33.03 11.89 -4.35
C ILE A 149 -32.76 13.01 -5.30
N THR A 150 -32.28 14.16 -4.91
CA THR A 150 -31.82 15.11 -5.91
C THR A 150 -30.47 14.63 -6.39
N PHE A 151 -30.40 14.26 -7.68
CA PHE A 151 -29.17 13.81 -8.31
C PHE A 151 -28.27 14.92 -8.69
N ASN A 152 -26.99 14.63 -8.86
CA ASN A 152 -26.02 15.65 -9.20
C ASN A 152 -26.25 16.10 -10.62
N GLU A 153 -26.45 17.42 -10.72
CA GLU A 153 -26.68 18.18 -11.96
C GLU A 153 -25.62 17.98 -13.06
N THR A 154 -24.33 18.13 -12.81
CA THR A 154 -23.34 17.88 -13.83
C THR A 154 -23.21 16.39 -14.15
N TYR A 155 -23.60 15.48 -13.25
CA TYR A 155 -23.61 14.06 -13.55
C TYR A 155 -24.65 13.87 -14.65
N GLN A 156 -25.84 14.29 -14.25
CA GLN A 156 -27.03 14.27 -15.06
C GLN A 156 -26.75 14.73 -16.45
N ASP A 157 -25.97 15.80 -16.59
CA ASP A 157 -25.64 16.30 -17.91
C ASP A 157 -24.50 15.64 -18.63
N ILE A 158 -23.30 15.34 -18.10
CA ILE A 158 -22.25 14.65 -18.86
C ILE A 158 -22.83 13.35 -19.43
N SER A 159 -23.77 12.74 -18.69
CA SER A 159 -24.56 11.60 -19.13
C SER A 159 -25.48 11.95 -20.31
N GLU A 160 -26.25 13.05 -20.35
CA GLU A 160 -27.03 13.46 -21.51
C GLU A 160 -26.10 13.59 -22.70
N VAL A 161 -25.05 14.37 -22.58
CA VAL A 161 -24.14 14.60 -23.67
C VAL A 161 -23.40 13.35 -24.10
N VAL A 162 -22.44 12.90 -23.30
CA VAL A 162 -21.55 11.82 -23.69
C VAL A 162 -22.22 10.45 -23.92
N TYR A 163 -23.30 10.10 -23.22
CA TYR A 163 -23.88 8.77 -23.28
C TYR A 163 -25.31 8.73 -23.69
N GLY A 164 -25.93 9.87 -23.76
CA GLY A 164 -27.32 9.92 -24.17
C GLY A 164 -28.24 9.35 -23.14
N ALA A 165 -27.80 9.37 -21.90
CA ALA A 165 -28.58 8.79 -20.84
C ALA A 165 -29.52 9.79 -20.16
N LYS A 166 -30.81 9.71 -20.42
CA LYS A 166 -31.70 10.63 -19.76
C LYS A 166 -31.95 10.19 -18.32
N LEU A 167 -32.18 11.08 -17.36
CA LEU A 167 -32.58 10.67 -16.02
C LEU A 167 -34.06 10.35 -16.12
N GLN A 168 -34.58 9.26 -15.57
CA GLN A 168 -36.02 9.06 -15.51
C GLN A 168 -36.38 8.77 -14.06
N PRO A 169 -37.22 9.53 -13.38
CA PRO A 169 -37.64 9.25 -12.03
C PRO A 169 -38.69 8.21 -11.96
N LEU A 170 -38.38 7.25 -11.08
CA LEU A 170 -39.21 6.14 -10.73
C LEU A 170 -39.39 6.18 -9.23
N ASP A 171 -40.31 5.47 -8.62
CA ASP A 171 -40.49 5.55 -7.17
C ASP A 171 -40.05 4.25 -6.51
N PHE A 172 -38.73 4.12 -6.61
CA PHE A 172 -38.00 2.98 -6.11
C PHE A 172 -38.38 2.77 -4.69
N LYS A 173 -38.19 3.84 -3.90
CA LYS A 173 -38.48 3.88 -2.48
C LYS A 173 -39.84 3.36 -2.01
N GLY A 174 -40.89 3.54 -2.81
CA GLY A 174 -42.17 3.07 -2.37
C GLY A 174 -42.47 1.85 -3.18
N ASN A 175 -42.70 2.21 -4.42
CA ASN A 175 -43.19 1.26 -5.38
C ASN A 175 -42.11 0.58 -6.17
N ALA A 176 -41.03 0.09 -5.52
CA ALA A 176 -39.97 -0.65 -6.20
C ALA A 176 -40.35 -1.86 -7.04
N GLU A 177 -41.25 -2.78 -6.66
CA GLU A 177 -41.56 -3.93 -7.50
C GLU A 177 -42.15 -3.43 -8.78
N GLN A 178 -43.03 -2.45 -8.67
CA GLN A 178 -43.58 -1.84 -9.85
C GLN A 178 -42.44 -1.18 -10.61
N SER A 179 -41.49 -0.51 -9.95
CA SER A 179 -40.39 0.15 -10.63
C SER A 179 -39.57 -0.86 -11.37
N ARG A 180 -39.38 -2.08 -10.88
CA ARG A 180 -38.61 -3.09 -11.59
C ARG A 180 -39.33 -3.39 -12.89
N LEU A 181 -40.66 -3.51 -12.90
CA LEU A 181 -41.37 -3.79 -14.13
C LEU A 181 -41.18 -2.67 -15.15
N THR A 182 -41.21 -1.39 -14.78
CA THR A 182 -40.95 -0.31 -15.70
C THR A 182 -39.56 -0.30 -16.31
N ILE A 183 -38.48 -0.63 -15.62
CA ILE A 183 -37.18 -0.58 -16.25
C ILE A 183 -37.08 -1.79 -17.12
N ASN A 184 -37.48 -2.95 -16.63
CA ASN A 184 -37.41 -4.19 -17.39
C ASN A 184 -38.10 -4.12 -18.72
N GLN A 185 -39.20 -3.36 -18.78
CA GLN A 185 -39.94 -3.21 -20.00
C GLN A 185 -39.22 -2.20 -20.87
N TRP A 186 -38.61 -1.13 -20.35
CA TRP A 186 -37.89 -0.17 -21.17
C TRP A 186 -36.89 -0.99 -21.94
N ILE A 187 -36.11 -1.85 -21.27
CA ILE A 187 -35.10 -2.69 -21.91
C ILE A 187 -35.77 -3.52 -23.00
N SER A 188 -36.96 -4.09 -22.78
CA SER A 188 -37.67 -4.88 -23.79
C SER A 188 -37.84 -4.00 -24.99
N ASN A 189 -38.43 -2.84 -24.82
CA ASN A 189 -38.70 -2.01 -25.95
C ASN A 189 -37.44 -1.66 -26.65
N LYS A 190 -36.43 -1.17 -25.94
CA LYS A 190 -35.17 -0.82 -26.57
C LYS A 190 -34.43 -2.00 -27.18
N THR A 191 -34.79 -3.28 -27.02
CA THR A 191 -34.09 -4.33 -27.73
C THR A 191 -35.03 -5.14 -28.60
N GLU A 192 -36.08 -4.49 -29.11
CA GLU A 192 -37.10 -5.07 -29.98
C GLU A 192 -37.74 -6.33 -29.42
N GLY A 193 -38.06 -6.19 -28.13
CA GLY A 193 -38.71 -7.23 -27.32
C GLY A 193 -37.87 -8.48 -27.07
N ARG A 194 -36.54 -8.41 -27.22
CA ARG A 194 -35.72 -9.59 -27.11
C ARG A 194 -35.13 -9.80 -25.74
N ILE A 195 -34.58 -8.74 -25.17
CA ILE A 195 -33.95 -8.88 -23.89
C ILE A 195 -35.11 -8.52 -23.03
N THR A 196 -35.84 -9.55 -22.68
CA THR A 196 -36.94 -9.35 -21.80
C THR A 196 -36.53 -9.59 -20.36
N ASP A 197 -37.12 -8.85 -19.43
CA ASP A 197 -36.86 -9.00 -18.00
C ASP A 197 -35.52 -9.52 -17.47
N VAL A 198 -34.67 -8.52 -17.47
CA VAL A 198 -33.29 -8.66 -17.08
C VAL A 198 -33.21 -8.69 -15.57
N ILE A 199 -33.79 -7.66 -14.97
CA ILE A 199 -33.68 -7.39 -13.55
C ILE A 199 -34.51 -8.34 -12.68
N PRO A 200 -33.90 -9.28 -11.98
CA PRO A 200 -34.58 -10.36 -11.34
C PRO A 200 -35.42 -9.85 -10.18
N PRO A 201 -36.60 -10.46 -9.92
CA PRO A 201 -37.55 -10.15 -8.84
C PRO A 201 -37.23 -9.40 -7.56
N GLN A 202 -36.10 -9.53 -6.88
CA GLN A 202 -35.98 -8.64 -5.75
C GLN A 202 -34.78 -7.73 -5.86
N ALA A 203 -34.16 -7.70 -7.04
CA ALA A 203 -32.99 -6.88 -7.27
C ALA A 203 -33.18 -5.40 -7.01
N ILE A 204 -34.39 -4.80 -6.97
CA ILE A 204 -34.64 -3.37 -6.74
C ILE A 204 -35.69 -3.22 -5.65
N ASN A 205 -35.38 -2.40 -4.65
CA ASN A 205 -36.17 -2.27 -3.43
C ASN A 205 -36.03 -0.91 -2.76
N GLU A 206 -36.58 -0.87 -1.55
CA GLU A 206 -36.50 0.22 -0.60
C GLU A 206 -35.27 1.10 -0.70
N PHE A 207 -34.10 0.60 -1.05
CA PHE A 207 -32.88 1.36 -0.91
C PHE A 207 -32.12 1.54 -2.22
N THR A 208 -32.73 1.29 -3.38
CA THR A 208 -32.01 1.41 -4.63
C THR A 208 -31.98 2.91 -4.86
N VAL A 209 -30.86 3.51 -5.24
CA VAL A 209 -30.78 4.93 -5.47
C VAL A 209 -30.93 5.16 -6.94
N LEU A 210 -30.10 4.55 -7.78
CA LEU A 210 -30.10 4.83 -9.21
C LEU A 210 -29.99 3.48 -9.91
N VAL A 211 -30.85 3.08 -10.84
CA VAL A 211 -30.60 1.88 -11.62
C VAL A 211 -30.10 2.46 -12.92
N LEU A 212 -28.92 2.15 -13.45
CA LEU A 212 -28.59 2.68 -14.77
C LEU A 212 -28.48 1.55 -15.78
N VAL A 213 -29.13 1.70 -16.93
CA VAL A 213 -29.30 0.64 -17.91
C VAL A 213 -28.66 0.96 -19.23
N ASN A 214 -28.12 0.00 -19.95
CA ASN A 214 -27.52 0.16 -21.26
C ASN A 214 -28.16 -0.89 -22.15
N THR A 215 -28.31 -0.70 -23.44
CA THR A 215 -28.79 -1.75 -24.32
C THR A 215 -27.96 -1.78 -25.58
N ILE A 216 -28.03 -2.83 -26.39
CA ILE A 216 -27.42 -2.87 -27.73
C ILE A 216 -28.23 -3.93 -28.47
N TYR A 217 -28.76 -3.59 -29.66
CA TYR A 217 -29.56 -4.43 -30.54
C TYR A 217 -28.88 -4.45 -31.87
N PHE A 218 -28.92 -5.55 -32.63
CA PHE A 218 -28.30 -5.66 -33.95
C PHE A 218 -29.12 -6.60 -34.82
N LYS A 219 -29.38 -6.32 -36.10
CA LYS A 219 -30.12 -7.21 -36.96
C LYS A 219 -29.25 -7.19 -38.17
N GLY A 220 -28.93 -8.20 -38.77
CA GLY A 220 -28.25 -8.02 -40.05
C GLY A 220 -28.55 -9.22 -40.97
N LEU A 221 -28.68 -8.91 -42.23
CA LEU A 221 -28.89 -9.94 -43.24
C LEU A 221 -27.53 -10.42 -43.67
N TRP A 222 -27.40 -11.70 -43.99
CA TRP A 222 -26.12 -12.19 -44.48
C TRP A 222 -25.90 -11.58 -45.85
N LYS A 223 -24.64 -11.44 -46.24
CA LYS A 223 -24.35 -10.99 -47.60
C LYS A 223 -24.71 -12.18 -48.50
N SER A 224 -24.10 -13.28 -48.16
CA SER A 224 -24.28 -14.56 -48.85
C SER A 224 -25.32 -15.41 -48.12
N LYS A 225 -26.65 -15.13 -48.31
CA LYS A 225 -27.76 -15.83 -47.64
C LYS A 225 -27.75 -17.34 -47.72
N PHE A 226 -28.50 -18.05 -46.90
CA PHE A 226 -28.54 -19.50 -46.93
C PHE A 226 -29.90 -19.84 -47.54
N SER A 227 -30.06 -20.98 -48.14
CA SER A 227 -31.31 -21.35 -48.73
C SER A 227 -32.12 -22.21 -47.82
N PRO A 228 -33.34 -21.91 -47.50
CA PRO A 228 -34.15 -22.76 -46.66
C PRO A 228 -34.30 -24.22 -47.07
N GLU A 229 -33.93 -24.55 -48.30
CA GLU A 229 -33.95 -25.91 -48.84
C GLU A 229 -32.71 -26.72 -48.54
N ASN A 230 -31.57 -26.04 -48.43
CA ASN A 230 -30.34 -26.69 -48.07
C ASN A 230 -30.25 -26.43 -46.57
N THR A 231 -31.20 -27.05 -45.88
CA THR A 231 -31.35 -26.88 -44.46
C THR A 231 -31.88 -28.25 -44.11
N ARG A 232 -30.94 -29.10 -43.78
CA ARG A 232 -31.29 -30.44 -43.39
C ARG A 232 -31.17 -30.49 -41.89
N LYS A 233 -31.65 -31.55 -41.25
CA LYS A 233 -31.41 -31.70 -39.83
C LYS A 233 -30.08 -32.45 -39.79
N GLU A 234 -29.23 -32.25 -38.78
CA GLU A 234 -27.96 -32.97 -38.69
C GLU A 234 -27.62 -33.12 -37.23
N LEU A 235 -26.68 -33.99 -36.90
CA LEU A 235 -26.35 -34.10 -35.50
C LEU A 235 -25.23 -33.13 -35.19
N PHE A 236 -25.52 -32.45 -34.06
CA PHE A 236 -24.58 -31.58 -33.38
C PHE A 236 -24.13 -32.41 -32.19
N TYR A 237 -22.83 -32.62 -32.16
CA TYR A 237 -22.16 -33.44 -31.17
C TYR A 237 -21.71 -32.55 -30.04
N LYS A 238 -22.61 -32.49 -29.06
CA LYS A 238 -22.59 -31.59 -27.89
C LYS A 238 -21.28 -31.58 -27.20
N ALA A 239 -21.14 -30.50 -26.43
CA ALA A 239 -19.94 -30.30 -25.66
C ALA A 239 -19.62 -31.55 -24.82
N ASP A 240 -20.61 -32.14 -24.14
CA ASP A 240 -20.39 -33.33 -23.33
C ASP A 240 -20.26 -34.65 -24.07
N GLY A 241 -20.10 -34.69 -25.40
CA GLY A 241 -20.06 -35.94 -26.15
C GLY A 241 -21.44 -36.56 -26.40
N GLU A 242 -22.54 -35.94 -25.90
CA GLU A 242 -23.87 -36.39 -26.27
C GLU A 242 -24.26 -35.64 -27.54
N SER A 243 -25.38 -35.92 -28.18
CA SER A 243 -25.74 -35.15 -29.33
C SER A 243 -27.24 -34.97 -29.45
N CYS A 244 -27.54 -33.90 -30.19
CA CYS A 244 -28.89 -33.52 -30.52
C CYS A 244 -28.97 -33.20 -32.01
N SER A 245 -30.22 -33.25 -32.45
CA SER A 245 -30.65 -32.93 -33.78
C SER A 245 -30.81 -31.42 -33.88
N VAL A 246 -30.21 -30.77 -34.87
CA VAL A 246 -30.34 -29.35 -35.06
C VAL A 246 -30.76 -29.08 -36.50
N LEU A 247 -31.33 -27.93 -36.87
CA LEU A 247 -31.62 -27.64 -38.26
C LEU A 247 -30.33 -27.03 -38.75
N MET A 248 -29.53 -27.77 -39.51
CA MET A 248 -28.24 -27.31 -39.98
C MET A 248 -28.24 -26.73 -41.37
N MET A 249 -27.87 -25.47 -41.39
CA MET A 249 -27.80 -24.72 -42.62
C MET A 249 -26.56 -25.15 -43.38
N TYR A 250 -26.58 -24.95 -44.70
CA TYR A 250 -25.50 -25.31 -45.61
C TYR A 250 -25.43 -24.39 -46.84
N GLN A 251 -24.27 -23.87 -47.21
CA GLN A 251 -24.13 -23.21 -48.49
C GLN A 251 -22.69 -23.34 -48.97
N GLU A 252 -22.42 -23.00 -50.22
CA GLU A 252 -21.07 -23.07 -50.77
C GLU A 252 -20.75 -21.62 -51.09
N SER A 253 -19.63 -21.07 -50.64
CA SER A 253 -19.34 -19.70 -50.98
C SER A 253 -17.89 -19.37 -50.69
N LYS A 254 -17.56 -18.20 -51.24
CA LYS A 254 -16.26 -17.58 -51.10
C LYS A 254 -16.38 -16.72 -49.84
N PHE A 255 -15.55 -16.98 -48.80
CA PHE A 255 -15.58 -16.27 -47.51
C PHE A 255 -14.15 -16.14 -46.99
N ARG A 256 -13.81 -15.16 -46.13
CA ARG A 256 -12.46 -15.03 -45.58
C ARG A 256 -12.21 -16.24 -44.68
N TYR A 257 -11.03 -16.88 -44.62
CA TYR A 257 -10.83 -18.08 -43.81
C TYR A 257 -9.32 -18.35 -43.73
N ARG A 258 -8.91 -19.05 -42.66
CA ARG A 258 -7.55 -19.56 -42.45
C ARG A 258 -7.67 -20.77 -41.53
N ARG A 259 -6.72 -21.69 -41.43
CA ARG A 259 -6.80 -22.69 -40.36
C ARG A 259 -5.62 -22.21 -39.57
N VAL A 260 -5.93 -21.78 -38.36
CA VAL A 260 -4.94 -21.11 -37.58
C VAL A 260 -4.25 -22.04 -36.57
N ALA A 261 -3.63 -21.49 -35.52
CA ALA A 261 -2.87 -22.21 -34.50
C ALA A 261 -3.70 -23.33 -33.89
N GLU A 262 -3.03 -24.48 -34.00
CA GLU A 262 -3.58 -25.77 -33.61
C GLU A 262 -4.90 -25.96 -34.40
N SER A 263 -4.85 -25.87 -35.74
CA SER A 263 -6.02 -26.12 -36.60
C SER A 263 -7.42 -25.73 -36.06
N THR A 264 -7.43 -24.47 -35.71
CA THR A 264 -8.58 -23.83 -35.16
C THR A 264 -9.01 -23.00 -36.35
N GLN A 265 -10.11 -23.43 -36.98
CA GLN A 265 -10.60 -22.78 -38.20
C GLN A 265 -11.32 -21.47 -37.86
N VAL A 266 -11.01 -20.32 -38.50
CA VAL A 266 -11.70 -19.08 -38.23
C VAL A 266 -12.39 -18.65 -39.51
N LEU A 267 -13.71 -18.55 -39.53
CA LEU A 267 -14.51 -18.16 -40.70
C LEU A 267 -14.98 -16.73 -40.50
N GLU A 268 -15.05 -15.83 -41.47
CA GLU A 268 -15.69 -14.53 -41.22
C GLU A 268 -16.91 -14.48 -42.16
N LEU A 269 -18.17 -14.38 -41.73
CA LEU A 269 -19.28 -14.33 -42.69
C LEU A 269 -19.86 -12.93 -42.66
N PRO A 270 -19.68 -11.97 -43.56
CA PRO A 270 -20.04 -10.58 -43.35
C PRO A 270 -21.51 -10.46 -43.55
N PHE A 271 -22.00 -9.39 -42.95
CA PHE A 271 -23.39 -9.06 -43.09
C PHE A 271 -23.59 -8.10 -44.24
N LYS A 272 -24.79 -7.64 -44.50
CA LYS A 272 -25.09 -6.81 -45.66
C LYS A 272 -24.33 -5.47 -45.75
N GLY A 273 -23.33 -5.47 -46.62
CA GLY A 273 -22.51 -4.30 -46.85
C GLY A 273 -21.33 -4.23 -45.90
N ASP A 274 -20.52 -5.28 -45.88
CA ASP A 274 -19.31 -5.39 -45.10
C ASP A 274 -18.86 -4.57 -43.86
N ASP A 275 -19.72 -3.90 -43.06
CA ASP A 275 -19.34 -3.18 -41.82
C ASP A 275 -19.15 -4.05 -40.58
N ILE A 276 -20.14 -4.92 -40.36
CA ILE A 276 -20.23 -5.86 -39.23
C ILE A 276 -19.97 -7.26 -39.79
N THR A 277 -19.30 -8.17 -39.11
CA THR A 277 -19.16 -9.54 -39.59
C THR A 277 -19.60 -10.46 -38.46
N MET A 278 -19.58 -11.78 -38.64
CA MET A 278 -19.72 -12.78 -37.58
C MET A 278 -18.39 -13.50 -37.74
N VAL A 279 -17.62 -13.82 -36.70
CA VAL A 279 -16.39 -14.61 -36.83
C VAL A 279 -16.73 -15.94 -36.18
N LEU A 280 -16.44 -17.13 -36.69
CA LEU A 280 -16.74 -18.35 -35.98
C LEU A 280 -15.39 -19.02 -35.82
N ILE A 281 -15.14 -19.50 -34.64
CA ILE A 281 -13.92 -20.18 -34.37
C ILE A 281 -14.37 -21.60 -34.10
N LEU A 282 -14.21 -22.48 -35.09
CA LEU A 282 -14.51 -23.89 -34.90
C LEU A 282 -13.15 -24.62 -34.78
N PRO A 283 -12.72 -24.98 -33.55
CA PRO A 283 -11.42 -25.59 -33.26
C PRO A 283 -11.44 -27.07 -33.62
N LYS A 284 -10.33 -27.68 -34.09
CA LYS A 284 -10.30 -29.09 -34.47
C LYS A 284 -10.85 -30.08 -33.43
N LEU A 285 -11.45 -31.10 -34.01
CA LEU A 285 -11.97 -32.30 -33.37
C LEU A 285 -11.27 -32.73 -32.08
N GLU A 286 -9.97 -32.99 -32.27
CA GLU A 286 -9.09 -33.46 -31.21
C GLU A 286 -8.85 -32.41 -30.16
N LYS A 287 -9.06 -31.11 -30.38
CA LYS A 287 -8.80 -30.13 -29.33
C LYS A 287 -10.04 -30.03 -28.47
N THR A 288 -10.02 -29.08 -27.55
CA THR A 288 -11.19 -28.82 -26.74
C THR A 288 -11.29 -27.34 -26.82
N LEU A 289 -12.50 -26.82 -27.05
CA LEU A 289 -12.74 -25.38 -27.10
C LEU A 289 -12.19 -24.68 -25.85
N ALA A 290 -12.18 -25.41 -24.73
CA ALA A 290 -11.64 -24.93 -23.46
C ALA A 290 -10.25 -24.38 -23.65
N LYS A 291 -9.34 -25.14 -24.26
CA LYS A 291 -7.98 -24.69 -24.51
C LYS A 291 -8.02 -23.34 -25.23
N VAL A 292 -8.75 -23.26 -26.38
CA VAL A 292 -8.76 -22.02 -27.16
C VAL A 292 -9.42 -20.90 -26.37
N GLU A 293 -10.32 -21.23 -25.45
CA GLU A 293 -10.87 -20.21 -24.61
C GLU A 293 -9.81 -19.75 -23.62
N GLN A 294 -9.01 -20.67 -23.10
CA GLN A 294 -8.05 -20.36 -22.08
C GLN A 294 -6.91 -19.54 -22.63
N GLU A 295 -6.61 -19.52 -23.93
CA GLU A 295 -5.44 -18.77 -24.35
C GLU A 295 -5.72 -17.54 -25.21
N LEU A 296 -6.98 -17.14 -25.14
CA LEU A 296 -7.44 -16.05 -25.96
C LEU A 296 -6.78 -14.79 -25.45
N THR A 297 -6.40 -14.01 -26.43
CA THR A 297 -5.60 -12.84 -26.17
C THR A 297 -6.03 -11.88 -27.26
N PRO A 298 -6.50 -10.65 -27.06
CA PRO A 298 -7.06 -9.83 -28.14
C PRO A 298 -5.97 -9.47 -29.14
N ASP A 299 -4.71 -9.66 -28.74
CA ASP A 299 -3.60 -9.54 -29.65
C ASP A 299 -3.33 -10.96 -30.07
N MET A 300 -4.39 -11.53 -30.60
CA MET A 300 -4.29 -12.73 -31.39
C MET A 300 -5.12 -12.27 -32.60
N LEU A 301 -5.32 -10.94 -32.84
CA LEU A 301 -5.94 -10.35 -34.03
C LEU A 301 -5.29 -10.81 -35.33
N GLN A 302 -4.12 -11.51 -35.23
CA GLN A 302 -3.42 -12.18 -36.32
C GLN A 302 -4.47 -13.11 -36.92
N GLU A 303 -5.02 -14.00 -36.09
CA GLU A 303 -6.07 -14.95 -36.40
C GLU A 303 -7.08 -14.27 -37.33
N TRP A 304 -7.74 -13.22 -36.84
CA TRP A 304 -8.70 -12.46 -37.62
C TRP A 304 -8.03 -11.89 -38.85
N LEU A 305 -7.22 -10.84 -38.76
CA LEU A 305 -6.65 -10.19 -39.95
C LEU A 305 -5.84 -11.08 -40.90
N ASP A 306 -5.38 -12.29 -40.54
CA ASP A 306 -4.59 -13.10 -41.45
C ASP A 306 -5.48 -13.85 -42.42
N GLU A 307 -6.77 -14.02 -42.13
CA GLU A 307 -7.59 -14.69 -43.10
C GLU A 307 -8.07 -13.79 -44.24
N LEU A 308 -7.25 -12.87 -44.69
CA LEU A 308 -7.65 -12.06 -45.81
C LEU A 308 -7.07 -12.80 -47.01
N THR A 309 -7.90 -13.81 -47.24
CA THR A 309 -7.66 -14.81 -48.23
C THR A 309 -9.07 -15.32 -48.47
N GLU A 310 -9.72 -14.84 -49.54
CA GLU A 310 -11.06 -15.36 -49.80
C GLU A 310 -10.85 -16.81 -50.21
N THR A 311 -11.62 -17.66 -49.55
CA THR A 311 -11.45 -19.08 -49.66
C THR A 311 -12.83 -19.67 -49.94
N LEU A 312 -12.88 -20.73 -50.74
CA LEU A 312 -14.16 -21.32 -51.13
C LEU A 312 -14.49 -22.39 -50.11
N LEU A 313 -15.44 -22.11 -49.26
CA LEU A 313 -15.84 -23.08 -48.26
C LEU A 313 -17.08 -23.82 -48.73
N VAL A 314 -17.36 -24.95 -48.10
CA VAL A 314 -18.70 -25.53 -48.18
C VAL A 314 -19.01 -25.49 -46.68
N VAL A 315 -19.85 -24.55 -46.24
CA VAL A 315 -20.15 -24.27 -44.83
C VAL A 315 -21.39 -24.94 -44.25
N HIS A 316 -21.24 -25.64 -43.14
CA HIS A 316 -22.40 -26.21 -42.48
C HIS A 316 -22.58 -25.42 -41.19
N MET A 317 -23.75 -24.93 -40.74
CA MET A 317 -23.83 -24.14 -39.53
C MET A 317 -25.22 -24.28 -38.94
N PRO A 318 -25.48 -24.59 -37.64
CA PRO A 318 -26.83 -24.74 -37.11
C PRO A 318 -27.44 -23.38 -37.11
N ARG A 319 -28.73 -23.40 -37.26
CA ARG A 319 -29.49 -22.21 -37.07
C ARG A 319 -30.06 -22.44 -35.67
N PHE A 320 -29.83 -21.49 -34.77
CA PHE A 320 -30.05 -21.68 -33.36
C PHE A 320 -30.50 -20.41 -32.74
N ARG A 321 -30.90 -20.48 -31.48
CA ARG A 321 -31.27 -19.29 -30.75
C ARG A 321 -30.74 -19.49 -29.36
N ILE A 322 -29.79 -18.68 -28.86
CA ILE A 322 -29.28 -18.86 -27.50
C ILE A 322 -29.58 -17.54 -26.83
N GLU A 323 -29.90 -17.58 -25.56
CA GLU A 323 -30.40 -16.47 -24.77
C GLU A 323 -29.58 -16.58 -23.49
N ASP A 324 -29.05 -15.63 -22.73
CA ASP A 324 -28.25 -15.96 -21.55
C ASP A 324 -28.22 -14.77 -20.64
N SER A 325 -28.07 -14.94 -19.35
CA SER A 325 -28.04 -13.81 -18.41
C SER A 325 -27.15 -14.23 -17.27
N PHE A 326 -26.53 -13.32 -16.50
CA PHE A 326 -25.66 -13.70 -15.42
C PHE A 326 -25.44 -12.59 -14.42
N SER A 327 -24.43 -12.56 -13.56
CA SER A 327 -24.20 -11.44 -12.71
C SER A 327 -22.78 -11.15 -13.02
N VAL A 328 -22.63 -9.92 -13.45
CA VAL A 328 -21.33 -9.40 -13.71
C VAL A 328 -20.62 -9.12 -12.36
N LYS A 329 -21.32 -9.06 -11.23
CA LYS A 329 -20.64 -8.78 -9.98
C LYS A 329 -19.72 -9.95 -9.59
N GLU A 330 -20.05 -11.21 -9.87
CA GLU A 330 -19.16 -12.31 -9.50
C GLU A 330 -17.84 -12.12 -10.25
N GLN A 331 -17.86 -12.12 -11.56
CA GLN A 331 -16.62 -12.10 -12.31
C GLN A 331 -15.86 -10.79 -12.23
N LEU A 332 -16.48 -9.61 -12.08
CA LEU A 332 -15.68 -8.40 -12.01
C LEU A 332 -14.88 -8.34 -10.70
N GLN A 333 -15.44 -8.94 -9.64
CA GLN A 333 -14.77 -8.97 -8.38
C GLN A 333 -13.53 -9.76 -8.58
N ASP A 334 -13.66 -10.92 -9.22
CA ASP A 334 -12.50 -11.75 -9.55
C ASP A 334 -11.50 -11.04 -10.47
N MET A 335 -12.01 -10.15 -11.33
CA MET A 335 -11.17 -9.40 -12.24
C MET A 335 -10.42 -8.33 -11.48
N GLY A 336 -10.93 -7.94 -10.32
CA GLY A 336 -10.20 -7.02 -9.50
C GLY A 336 -11.09 -5.89 -9.07
N LEU A 337 -12.24 -5.70 -9.70
CA LEU A 337 -13.07 -4.59 -9.34
C LEU A 337 -13.65 -5.12 -8.04
N GLU A 338 -13.10 -4.62 -6.91
CA GLU A 338 -13.56 -4.94 -5.55
C GLU A 338 -14.21 -3.80 -4.77
N ASP A 339 -13.53 -2.67 -4.63
CA ASP A 339 -14.08 -1.54 -3.91
C ASP A 339 -15.47 -1.16 -4.36
N LEU A 340 -15.77 -1.11 -5.65
CA LEU A 340 -17.08 -0.65 -6.12
C LEU A 340 -18.33 -1.32 -5.56
N PHE A 341 -18.18 -2.53 -5.03
CA PHE A 341 -19.36 -3.23 -4.63
C PHE A 341 -19.43 -3.31 -3.12
N SER A 342 -18.43 -2.83 -2.39
CA SER A 342 -18.47 -2.92 -0.93
C SER A 342 -19.08 -1.65 -0.43
N PRO A 343 -20.21 -1.60 0.26
CA PRO A 343 -20.72 -0.41 0.93
C PRO A 343 -19.68 0.23 1.84
N GLU A 344 -18.74 -0.60 2.26
CA GLU A 344 -17.64 -0.17 3.09
C GLU A 344 -16.67 0.63 2.26
N LYS A 345 -16.23 0.11 1.12
CA LYS A 345 -15.15 0.72 0.35
C LYS A 345 -15.50 1.52 -0.90
N SER A 346 -16.78 1.48 -1.27
CA SER A 346 -17.27 2.10 -2.47
C SER A 346 -17.30 3.59 -2.33
N ARG A 347 -16.69 4.27 -3.28
CA ARG A 347 -16.60 5.70 -3.22
C ARG A 347 -17.18 6.25 -4.51
N LEU A 348 -18.35 6.85 -4.46
CA LEU A 348 -19.01 7.39 -5.64
C LEU A 348 -19.63 8.78 -5.37
N PRO A 349 -18.95 9.91 -5.16
CA PRO A 349 -19.55 11.20 -4.80
C PRO A 349 -20.19 12.02 -5.95
N GLY A 350 -19.94 11.61 -7.20
CA GLY A 350 -20.49 12.34 -8.35
C GLY A 350 -21.97 12.06 -8.65
N ILE A 351 -22.55 10.97 -8.12
CA ILE A 351 -23.89 10.64 -8.48
C ILE A 351 -24.91 11.47 -7.68
N VAL A 352 -24.90 11.57 -6.35
CA VAL A 352 -26.00 12.24 -5.65
C VAL A 352 -25.53 13.60 -5.26
N ALA A 353 -26.38 14.61 -5.17
CA ALA A 353 -25.94 15.90 -4.67
C ALA A 353 -26.17 16.04 -3.16
N GLU A 354 -27.45 15.80 -2.83
CA GLU A 354 -28.02 15.97 -1.50
C GLU A 354 -27.63 15.01 -0.37
N GLY A 355 -27.02 13.88 -0.76
CA GLY A 355 -26.50 12.89 0.17
C GLY A 355 -25.01 12.75 -0.16
N ARG A 356 -24.69 12.37 -1.43
CA ARG A 356 -23.35 12.36 -2.02
C ARG A 356 -22.34 11.28 -1.55
N SER A 357 -22.69 10.25 -0.80
CA SER A 357 -21.64 9.52 -0.08
C SER A 357 -21.57 7.99 -0.11
N ASP A 358 -22.51 7.37 0.64
CA ASP A 358 -22.57 5.93 0.93
C ASP A 358 -22.84 4.96 -0.25
N LEU A 359 -22.96 5.49 -1.47
CA LEU A 359 -23.53 4.75 -2.57
C LEU A 359 -22.58 3.68 -3.04
N TYR A 360 -23.12 2.49 -3.35
CA TYR A 360 -22.29 1.39 -3.75
C TYR A 360 -22.99 0.65 -4.86
N VAL A 361 -22.39 -0.24 -5.67
CA VAL A 361 -23.15 -1.02 -6.63
C VAL A 361 -23.65 -2.28 -5.92
N SER A 362 -24.93 -2.41 -5.62
CA SER A 362 -25.34 -3.60 -4.94
C SER A 362 -25.29 -4.77 -5.91
N ASP A 363 -25.90 -4.82 -7.10
CA ASP A 363 -25.70 -5.94 -8.01
C ASP A 363 -25.70 -5.47 -9.45
N ALA A 364 -25.16 -6.25 -10.36
CA ALA A 364 -25.04 -5.83 -11.74
C ALA A 364 -25.32 -6.91 -12.79
N PHE A 365 -26.42 -6.81 -13.53
CA PHE A 365 -26.89 -7.85 -14.44
C PHE A 365 -26.66 -7.61 -15.89
N HIS A 366 -26.74 -8.68 -16.68
CA HIS A 366 -26.53 -8.65 -18.12
C HIS A 366 -27.35 -9.74 -18.77
N LYS A 367 -28.14 -9.61 -19.82
CA LYS A 367 -28.84 -10.73 -20.42
C LYS A 367 -28.53 -10.54 -21.87
N ALA A 368 -28.57 -11.55 -22.72
CA ALA A 368 -28.14 -11.42 -24.09
C ALA A 368 -28.96 -12.36 -24.96
N PHE A 369 -28.89 -12.24 -26.28
CA PHE A 369 -29.76 -12.98 -27.19
C PHE A 369 -29.02 -13.13 -28.49
N LEU A 370 -29.28 -14.18 -29.22
CA LEU A 370 -28.72 -14.36 -30.54
C LEU A 370 -29.59 -15.26 -31.39
N GLU A 371 -30.15 -14.89 -32.54
CA GLU A 371 -30.83 -15.86 -33.38
C GLU A 371 -30.07 -15.83 -34.69
N VAL A 372 -29.37 -16.89 -35.08
CA VAL A 372 -28.60 -16.93 -36.31
C VAL A 372 -29.47 -17.84 -37.12
N ASN A 373 -29.60 -17.62 -38.40
CA ASN A 373 -30.58 -18.38 -39.14
C ASN A 373 -30.29 -18.15 -40.60
N GLU A 374 -31.09 -18.78 -41.44
CA GLU A 374 -31.01 -18.69 -42.89
C GLU A 374 -30.74 -17.28 -43.45
N GLU A 375 -31.51 -16.25 -43.10
CA GLU A 375 -31.38 -14.92 -43.69
C GLU A 375 -30.46 -13.93 -43.03
N GLY A 376 -29.99 -14.23 -41.84
CA GLY A 376 -29.15 -13.30 -41.11
C GLY A 376 -29.23 -13.56 -39.61
N SER A 377 -28.90 -12.60 -38.74
CA SER A 377 -28.99 -12.79 -37.30
C SER A 377 -29.31 -11.53 -36.59
N GLU A 378 -30.02 -11.72 -35.50
CA GLU A 378 -30.47 -10.67 -34.61
C GLU A 378 -29.74 -10.89 -33.27
N ALA A 379 -28.99 -9.96 -32.70
CA ALA A 379 -28.33 -10.17 -31.43
C ALA A 379 -28.90 -9.09 -30.56
N ALA A 380 -28.93 -9.22 -29.26
CA ALA A 380 -29.44 -8.12 -28.46
C ALA A 380 -28.70 -8.19 -27.16
N ALA A 381 -28.65 -7.20 -26.29
CA ALA A 381 -27.90 -7.33 -25.07
C ALA A 381 -28.30 -6.24 -24.14
N SER A 382 -28.18 -6.45 -22.83
CA SER A 382 -28.47 -5.43 -21.85
C SER A 382 -27.55 -5.62 -20.67
N THR A 383 -27.36 -4.56 -19.91
CA THR A 383 -26.60 -4.56 -18.66
C THR A 383 -27.35 -3.59 -17.77
N VAL A 384 -27.56 -3.88 -16.52
CA VAL A 384 -28.09 -2.86 -15.65
C VAL A 384 -27.19 -3.10 -14.48
N ILE A 385 -26.64 -2.02 -13.99
CA ILE A 385 -25.84 -2.07 -12.82
C ILE A 385 -26.75 -1.21 -11.94
N SER A 386 -27.13 -1.69 -10.78
CA SER A 386 -28.11 -1.10 -9.89
C SER A 386 -27.37 -0.40 -8.79
N ILE A 387 -27.52 0.82 -8.29
CA ILE A 387 -26.68 1.22 -7.17
C ILE A 387 -27.52 1.63 -5.98
N ALA A 388 -27.06 1.39 -4.75
CA ALA A 388 -27.81 1.61 -3.53
C ALA A 388 -27.05 2.30 -2.41
N GLY A 389 -27.76 2.53 -1.29
CA GLY A 389 -27.17 3.14 -0.10
C GLY A 389 -28.01 4.27 0.50
N ARG A 390 -28.56 5.05 -0.45
CA ARG A 390 -29.33 6.28 -0.28
C ARG A 390 -28.70 7.35 0.61
N SER A 391 -27.93 8.20 -0.08
CA SER A 391 -27.32 9.45 0.35
C SER A 391 -25.92 9.45 -0.25
N LEU A 392 -25.83 10.01 -1.33
N ARG A 396 -13.75 -26.77 -52.43
CA ARG A 396 -14.53 -27.51 -51.47
C ARG A 396 -13.72 -27.96 -50.23
N VAL A 397 -13.29 -26.99 -49.39
CA VAL A 397 -12.49 -27.31 -48.21
C VAL A 397 -13.33 -27.78 -47.03
N THR A 398 -14.54 -27.24 -46.84
CA THR A 398 -15.47 -27.61 -45.77
C THR A 398 -15.13 -27.05 -44.38
N PHE A 399 -16.16 -26.62 -43.65
CA PHE A 399 -16.07 -26.09 -42.30
C PHE A 399 -17.41 -26.58 -41.77
N LYS A 400 -17.45 -27.66 -41.03
CA LYS A 400 -18.73 -28.15 -40.59
C LYS A 400 -18.87 -27.92 -39.09
N ALA A 401 -19.42 -26.77 -38.71
CA ALA A 401 -19.55 -26.41 -37.31
C ALA A 401 -20.76 -27.14 -36.74
N ASN A 402 -20.54 -28.39 -36.31
CA ASN A 402 -21.59 -29.20 -35.72
C ASN A 402 -21.18 -29.79 -34.38
N ARG A 403 -20.46 -28.92 -33.68
CA ARG A 403 -19.89 -29.17 -32.36
C ARG A 403 -19.54 -27.78 -31.81
N PRO A 404 -19.47 -27.53 -30.48
CA PRO A 404 -19.32 -26.20 -29.93
C PRO A 404 -18.22 -25.38 -30.58
N PHE A 405 -18.56 -24.12 -30.74
CA PHE A 405 -17.68 -23.17 -31.37
C PHE A 405 -17.85 -21.80 -30.73
N LEU A 406 -16.88 -20.91 -30.82
CA LEU A 406 -17.21 -19.61 -30.27
C LEU A 406 -17.55 -18.64 -31.40
N VAL A 407 -18.26 -17.57 -31.05
CA VAL A 407 -18.86 -16.66 -32.00
C VAL A 407 -18.36 -15.29 -31.68
N LEU A 408 -17.88 -14.48 -32.60
CA LEU A 408 -17.59 -13.10 -32.32
C LEU A 408 -18.48 -12.31 -33.25
N ILE A 409 -18.82 -11.05 -33.04
CA ILE A 409 -19.62 -10.24 -33.98
C ILE A 409 -18.93 -8.86 -34.06
N ARG A 410 -17.88 -8.76 -34.90
CA ARG A 410 -17.04 -7.58 -34.96
C ARG A 410 -17.69 -6.50 -35.76
N GLU A 411 -17.28 -5.27 -35.51
CA GLU A 411 -17.65 -4.15 -36.35
C GLU A 411 -16.29 -3.71 -36.89
N VAL A 412 -15.98 -4.29 -38.04
CA VAL A 412 -14.67 -4.25 -38.69
C VAL A 412 -13.91 -2.94 -38.68
N ALA A 413 -14.62 -1.93 -39.22
CA ALA A 413 -14.10 -0.57 -39.33
C ALA A 413 -13.42 -0.08 -38.07
N LEU A 414 -14.18 -0.22 -36.96
CA LEU A 414 -13.73 0.25 -35.65
C LEU A 414 -13.09 -0.83 -34.80
N ASN A 415 -13.24 -2.09 -35.22
CA ASN A 415 -12.74 -3.25 -34.52
C ASN A 415 -13.27 -3.25 -33.09
N THR A 416 -14.53 -3.61 -32.88
CA THR A 416 -15.07 -3.63 -31.53
C THR A 416 -15.88 -4.87 -31.41
N ILE A 417 -15.50 -5.78 -30.51
CA ILE A 417 -16.22 -7.05 -30.40
C ILE A 417 -17.56 -6.65 -29.83
N ILE A 418 -18.61 -6.51 -30.67
CA ILE A 418 -19.91 -6.08 -30.18
C ILE A 418 -20.62 -7.17 -29.37
N PHE A 419 -20.44 -8.47 -29.68
CA PHE A 419 -21.02 -9.59 -28.94
C PHE A 419 -20.00 -10.71 -28.95
N MET A 420 -20.11 -11.74 -28.12
CA MET A 420 -19.15 -12.83 -28.08
C MET A 420 -19.89 -14.01 -27.51
N GLY A 421 -19.73 -15.25 -27.90
CA GLY A 421 -20.49 -16.30 -27.26
C GLY A 421 -19.78 -17.61 -27.43
N ARG A 422 -20.40 -18.68 -26.95
CA ARG A 422 -19.92 -20.03 -27.15
C ARG A 422 -21.25 -20.66 -27.42
N VAL A 423 -21.60 -21.09 -28.63
CA VAL A 423 -22.87 -21.79 -28.75
C VAL A 423 -22.36 -23.22 -28.59
N ALA A 424 -22.76 -23.78 -27.47
CA ALA A 424 -22.37 -25.13 -27.11
C ALA A 424 -23.51 -26.10 -27.12
N ASN A 425 -24.73 -25.56 -27.15
CA ASN A 425 -25.91 -26.38 -27.23
C ASN A 425 -26.86 -25.54 -28.04
N PRO A 426 -27.17 -25.94 -29.27
CA PRO A 426 -27.88 -25.14 -30.21
C PRO A 426 -29.31 -25.55 -30.26
N CYS A 427 -29.65 -26.67 -29.62
CA CYS A 427 -30.99 -27.20 -29.78
C CYS A 427 -31.98 -26.67 -28.71
N VAL A 428 -31.57 -25.50 -28.17
CA VAL A 428 -32.31 -24.65 -27.23
C VAL A 428 -32.93 -23.46 -28.00
N ASP A 429 -33.98 -22.96 -27.34
CA ASP A 429 -34.88 -21.94 -27.84
C ASP A 429 -35.06 -20.82 -26.77
N LYS B 8 4.65 -2.79 6.54
CA LYS B 8 5.70 -3.81 6.57
C LYS B 8 6.80 -3.49 5.53
N PRO B 9 7.79 -2.65 5.90
CA PRO B 9 8.92 -2.29 5.00
C PRO B 9 9.85 -3.48 4.65
N ARG B 10 10.90 -3.16 3.82
CA ARG B 10 11.97 -4.14 3.39
C ARG B 10 13.10 -3.53 2.47
N ASP B 11 12.82 -2.39 1.82
CA ASP B 11 13.80 -1.77 0.85
C ASP B 11 14.41 -0.40 1.26
N ILE B 12 13.60 0.68 1.13
CA ILE B 12 14.05 2.11 1.39
C ILE B 12 15.56 2.13 1.22
N PRO B 13 16.01 2.31 -0.03
CA PRO B 13 17.35 1.91 -0.45
C PRO B 13 18.45 2.51 0.30
N VAL B 14 19.03 1.70 1.17
CA VAL B 14 20.19 2.12 1.91
C VAL B 14 21.45 1.76 1.11
N ASN B 15 21.87 2.79 0.45
CA ASN B 15 23.06 2.65 -0.38
C ASN B 15 23.97 3.80 0.06
N PRO B 16 24.87 3.55 1.03
CA PRO B 16 25.89 4.49 1.47
C PRO B 16 27.02 4.50 0.45
N MET B 17 28.00 5.36 0.68
CA MET B 17 29.14 5.38 -0.20
C MET B 17 30.00 4.14 -0.01
N CYS B 18 30.15 3.58 1.19
CA CYS B 18 31.00 2.40 1.39
C CYS B 18 30.31 1.34 2.23
N ILE B 19 30.69 0.10 2.00
CA ILE B 19 30.04 -1.00 2.68
C ILE B 19 31.11 -1.83 3.34
N TYR B 20 31.13 -1.90 4.66
CA TYR B 20 32.00 -2.85 5.34
C TYR B 20 31.26 -4.15 5.13
N ARG B 21 31.99 -5.10 4.55
CA ARG B 21 31.48 -6.42 4.31
C ARG B 21 32.08 -7.28 5.41
N SER B 22 31.36 -8.34 5.74
CA SER B 22 31.80 -9.34 6.68
C SER B 22 31.51 -10.71 6.07
N SER B 23 31.88 -11.79 6.77
CA SER B 23 31.73 -13.19 6.36
C SER B 23 30.56 -13.64 5.47
N GLN B 35 20.24 -15.44 22.66
CA GLN B 35 19.08 -16.24 22.99
C GLN B 35 17.79 -15.59 22.45
N LYS B 36 16.82 -16.52 22.26
CA LYS B 36 15.44 -16.38 21.76
C LYS B 36 15.38 -16.22 20.23
N ILE B 37 14.88 -17.30 19.61
CA ILE B 37 14.67 -17.34 18.16
C ILE B 37 13.30 -16.78 17.82
N PRO B 38 13.20 -15.62 17.18
CA PRO B 38 12.00 -15.25 16.49
C PRO B 38 11.73 -16.16 15.34
N GLY B 39 10.45 -16.37 15.21
CA GLY B 39 9.94 -16.95 14.01
C GLY B 39 9.75 -15.70 13.16
N ALA B 40 10.51 -15.57 12.07
CA ALA B 40 10.46 -14.58 11.00
C ALA B 40 11.89 -14.43 10.44
N THR B 41 12.22 -13.73 9.34
CA THR B 41 13.61 -13.74 8.86
C THR B 41 14.28 -12.39 9.02
N ASN B 42 13.57 -11.30 8.82
CA ASN B 42 14.12 -9.95 8.98
C ASN B 42 14.26 -9.67 10.48
N ARG B 43 14.59 -10.63 11.34
CA ARG B 43 14.56 -10.35 12.76
C ARG B 43 15.95 -10.31 13.33
N ARG B 44 16.47 -9.25 12.73
CA ARG B 44 17.80 -8.74 12.87
C ARG B 44 17.70 -7.45 13.64
N VAL B 45 16.52 -6.83 13.55
CA VAL B 45 16.11 -5.79 14.50
C VAL B 45 16.45 -6.27 15.91
N TRP B 46 16.22 -7.58 16.12
CA TRP B 46 16.56 -8.29 17.33
C TRP B 46 18.03 -8.18 17.62
N GLU B 47 18.87 -8.82 16.80
CA GLU B 47 20.29 -8.78 17.00
C GLU B 47 20.76 -7.34 17.11
N LEU B 48 20.14 -6.34 16.48
CA LEU B 48 20.59 -4.98 16.65
C LEU B 48 20.46 -4.57 18.09
N SER B 49 19.31 -4.76 18.74
CA SER B 49 19.15 -4.35 20.11
C SER B 49 20.11 -5.17 20.94
N LYS B 50 20.36 -6.44 20.65
CA LYS B 50 21.37 -7.17 21.39
C LYS B 50 22.74 -6.55 21.16
N ALA B 51 23.08 -6.10 19.96
CA ALA B 51 24.37 -5.47 19.69
C ALA B 51 24.43 -4.17 20.42
N ASN B 52 23.53 -3.25 20.19
CA ASN B 52 23.67 -2.01 20.89
C ASN B 52 23.24 -1.97 22.36
N SER B 53 22.71 -3.05 22.97
CA SER B 53 22.56 -3.16 24.43
C SER B 53 23.93 -3.53 24.97
N HIS B 54 24.62 -4.36 24.18
CA HIS B 54 25.97 -4.80 24.47
C HIS B 54 26.97 -3.67 24.38
N PHE B 55 26.77 -2.67 23.51
CA PHE B 55 27.66 -1.52 23.47
C PHE B 55 27.24 -0.74 24.68
N ALA B 56 25.95 -0.63 24.98
CA ALA B 56 25.50 0.07 26.16
C ALA B 56 26.23 -0.43 27.40
N THR B 57 26.20 -1.69 27.82
CA THR B 57 26.86 -2.01 29.07
C THR B 57 28.37 -1.84 28.93
N ALA B 58 28.96 -2.02 27.75
CA ALA B 58 30.40 -1.89 27.56
C ALA B 58 30.86 -0.45 27.65
N PHE B 59 30.09 0.48 27.12
CA PHE B 59 30.44 1.87 27.19
C PHE B 59 30.15 2.32 28.61
N TYR B 60 29.04 1.90 29.22
CA TYR B 60 28.73 2.27 30.58
C TYR B 60 29.92 1.92 31.47
N GLN B 61 30.44 0.68 31.46
CA GLN B 61 31.60 0.30 32.23
C GLN B 61 32.81 1.19 31.96
N HIS B 62 33.05 1.67 30.74
CA HIS B 62 34.13 2.61 30.47
C HIS B 62 33.83 3.95 31.09
N LEU B 63 32.58 4.35 31.07
CA LEU B 63 32.26 5.62 31.64
C LEU B 63 32.40 5.54 33.15
N ALA B 64 32.06 4.40 33.76
CA ALA B 64 32.12 4.21 35.22
C ALA B 64 33.49 4.47 35.79
N ASP B 65 34.47 3.94 35.05
CA ASP B 65 35.88 4.08 35.35
C ASP B 65 36.41 5.46 35.02
N SER B 66 35.64 6.47 34.69
CA SER B 66 36.20 7.78 34.44
C SER B 66 35.44 8.82 35.22
N LYS B 67 34.60 8.31 36.10
CA LYS B 67 33.81 9.13 37.00
C LYS B 67 34.27 8.52 38.31
N ASN B 68 34.43 9.36 39.34
CA ASN B 68 34.77 8.84 40.65
C ASN B 68 33.45 8.35 41.21
N ASN B 69 33.63 7.32 41.99
CA ASN B 69 32.62 6.58 42.67
C ASN B 69 31.52 7.32 43.40
N ASN B 70 31.45 8.63 43.50
CA ASN B 70 30.31 9.31 44.10
C ASN B 70 29.80 10.26 43.06
N ASP B 71 29.90 9.88 41.80
CA ASP B 71 29.37 10.72 40.77
C ASP B 71 28.24 9.95 40.14
N ASN B 72 27.13 10.67 40.07
CA ASN B 72 25.96 10.13 39.45
C ASN B 72 26.31 9.98 37.97
N ILE B 73 25.88 8.90 37.33
CA ILE B 73 26.11 8.71 35.92
C ILE B 73 24.70 8.58 35.46
N PHE B 74 24.11 9.51 34.77
CA PHE B 74 22.91 9.14 34.08
C PHE B 74 23.29 9.32 32.61
N LEU B 75 22.88 8.45 31.67
CA LEU B 75 23.33 8.47 30.29
C LEU B 75 22.29 7.77 29.42
N SER B 76 22.10 8.01 28.13
CA SER B 76 21.19 7.15 27.38
C SER B 76 21.95 6.48 26.26
N PRO B 77 22.21 5.18 26.25
CA PRO B 77 23.01 4.49 25.27
C PRO B 77 22.32 4.54 23.93
N LEU B 78 20.98 4.49 23.91
CA LEU B 78 20.23 4.58 22.67
C LEU B 78 20.51 5.92 21.97
N SER B 79 20.70 7.05 22.64
CA SER B 79 21.06 8.25 21.92
C SER B 79 22.44 8.10 21.30
N ILE B 80 23.46 7.63 22.00
CA ILE B 80 24.80 7.52 21.42
C ILE B 80 24.79 6.49 20.29
N SER B 81 24.33 5.25 20.38
CA SER B 81 24.36 4.30 19.29
C SER B 81 23.67 4.94 18.10
N THR B 82 22.52 5.58 18.21
CA THR B 82 21.94 6.26 17.08
C THR B 82 22.74 7.41 16.46
N ALA B 83 23.33 8.36 17.18
CA ALA B 83 24.03 9.46 16.54
C ALA B 83 25.23 9.02 15.72
N PHE B 84 25.91 7.99 16.21
CA PHE B 84 27.05 7.49 15.50
C PHE B 84 26.52 6.60 14.41
N ALA B 85 25.50 5.76 14.59
CA ALA B 85 24.93 4.97 13.51
C ALA B 85 24.49 5.84 12.35
N MET B 86 24.08 7.11 12.61
CA MET B 86 23.85 8.12 11.58
C MET B 86 25.22 8.48 10.94
N THR B 87 26.26 9.01 11.62
CA THR B 87 27.59 9.24 11.04
C THR B 87 28.17 8.08 10.21
N LYS B 88 27.84 6.86 10.60
CA LYS B 88 28.27 5.67 9.92
C LYS B 88 27.80 5.70 8.48
N LEU B 89 26.84 6.51 8.01
CA LEU B 89 26.48 6.51 6.58
C LEU B 89 27.60 7.14 5.74
N GLY B 90 28.10 8.25 6.28
CA GLY B 90 29.16 8.96 5.62
C GLY B 90 30.50 8.27 5.83
N ALA B 91 30.59 7.36 6.79
CA ALA B 91 31.84 6.72 7.08
C ALA B 91 32.34 5.86 5.93
N CYS B 92 33.66 5.69 5.88
CA CYS B 92 34.25 4.83 4.88
C CYS B 92 35.57 4.23 5.31
N ASN B 93 36.00 3.15 4.67
CA ASN B 93 37.27 2.49 4.93
C ASN B 93 37.59 2.03 6.35
N ASN B 94 38.51 2.59 7.13
CA ASN B 94 38.78 2.09 8.47
C ASN B 94 37.83 2.73 9.42
N THR B 95 37.48 3.98 9.11
CA THR B 95 36.46 4.64 9.88
C THR B 95 35.14 3.89 9.85
N LEU B 96 34.87 3.04 8.87
CA LEU B 96 33.67 2.22 8.90
C LEU B 96 33.95 1.01 9.76
N THR B 97 35.14 0.43 9.68
CA THR B 97 35.54 -0.78 10.40
C THR B 97 35.37 -0.52 11.88
N GLN B 98 35.88 0.63 12.28
CA GLN B 98 35.86 0.95 13.68
C GLN B 98 34.43 1.15 14.13
N LEU B 99 33.63 1.89 13.36
CA LEU B 99 32.27 2.16 13.76
C LEU B 99 31.47 0.86 13.73
N MET B 100 31.78 -0.12 12.90
CA MET B 100 31.02 -1.34 12.94
C MET B 100 31.45 -2.20 14.12
N GLU B 101 32.70 -2.12 14.55
CA GLU B 101 33.13 -2.92 15.65
C GLU B 101 32.63 -2.27 16.89
N VAL B 102 33.14 -1.10 17.29
CA VAL B 102 32.80 -0.45 18.55
C VAL B 102 31.31 -0.44 18.85
N PHE B 103 30.46 -0.06 17.91
CA PHE B 103 29.05 -0.02 18.21
C PHE B 103 28.35 -1.36 18.03
N LYS B 104 29.16 -2.40 18.15
CA LYS B 104 28.81 -3.80 18.04
C LYS B 104 27.99 -4.18 16.83
N PHE B 105 27.79 -3.27 15.88
CA PHE B 105 27.01 -3.48 14.69
C PHE B 105 27.61 -4.63 13.86
N ASP B 106 28.88 -5.02 14.01
CA ASP B 106 29.33 -6.12 13.19
C ASP B 106 28.86 -7.41 13.81
N THR B 107 27.80 -7.49 14.63
CA THR B 107 27.35 -8.76 15.13
C THR B 107 26.10 -9.21 14.37
N ILE B 108 25.47 -8.36 13.54
CA ILE B 108 24.11 -8.66 13.09
C ILE B 108 23.90 -9.73 12.02
N SER B 109 24.83 -10.68 11.86
CA SER B 109 24.72 -11.70 10.82
C SER B 109 24.39 -11.23 9.39
N GLU B 110 24.18 -9.94 9.06
CA GLU B 110 23.91 -9.54 7.70
C GLU B 110 25.24 -8.95 7.26
N LYS B 111 25.97 -9.68 6.42
CA LYS B 111 27.30 -9.27 5.99
C LYS B 111 27.58 -7.86 5.43
N THR B 112 26.59 -6.98 5.37
CA THR B 112 26.79 -5.69 4.79
C THR B 112 26.30 -4.52 5.62
N SER B 113 27.19 -3.63 6.03
CA SER B 113 26.87 -2.42 6.80
C SER B 113 25.69 -1.54 6.36
N ASP B 114 25.25 -1.67 5.09
CA ASP B 114 24.09 -0.97 4.60
C ASP B 114 22.86 -1.40 5.40
N GLN B 115 22.74 -2.60 5.72
CA GLN B 115 21.60 -3.26 6.35
C GLN B 115 21.30 -2.69 7.74
N ILE B 116 22.35 -2.37 8.46
CA ILE B 116 22.20 -1.87 9.83
C ILE B 116 21.19 -0.73 9.90
N HIS B 117 21.33 0.22 8.99
CA HIS B 117 20.43 1.39 9.00
C HIS B 117 19.01 0.99 8.63
N PHE B 118 18.86 -0.08 7.88
CA PHE B 118 17.49 -0.52 7.58
C PHE B 118 16.90 -1.13 8.84
N PHE B 119 17.72 -1.96 9.46
CA PHE B 119 17.38 -2.62 10.72
C PHE B 119 17.05 -1.58 11.78
N PHE B 120 17.90 -0.52 11.84
CA PHE B 120 17.72 0.57 12.75
C PHE B 120 16.41 1.28 12.50
N ALA B 121 16.03 1.68 11.29
CA ALA B 121 14.76 2.37 11.11
C ALA B 121 13.67 1.34 11.37
N LYS B 122 13.85 0.03 11.09
CA LYS B 122 12.83 -0.96 11.38
C LYS B 122 12.56 -0.95 12.89
N LEU B 123 13.44 -1.05 13.73
CA LEU B 123 13.40 -1.04 15.20
C LEU B 123 12.97 0.34 15.70
N ASN B 124 13.43 1.39 15.03
CA ASN B 124 13.06 2.76 15.42
C ASN B 124 11.55 2.92 15.32
N CYS B 125 10.99 2.26 14.33
CA CYS B 125 9.55 2.28 14.16
C CYS B 125 8.93 1.60 15.36
N ARG B 126 9.49 0.43 15.61
CA ARG B 126 9.06 -0.46 16.69
C ARG B 126 9.27 0.15 18.09
N LEU B 127 10.18 1.10 18.22
CA LEU B 127 10.44 1.75 19.53
C LEU B 127 9.42 2.91 19.80
N TYR B 128 9.44 3.94 18.94
CA TYR B 128 8.66 5.21 19.17
C TYR B 128 7.25 5.23 18.52
N ARG B 129 6.72 4.04 18.29
CA ARG B 129 5.37 3.86 17.76
C ARG B 129 4.41 4.54 18.76
N LYS B 130 3.41 5.27 18.25
CA LYS B 130 2.52 6.05 19.14
C LYS B 130 1.58 5.14 19.93
N ALA B 131 2.08 5.16 21.30
CA ALA B 131 1.48 4.31 22.32
C ALA B 131 0.64 4.98 23.43
N ASN B 132 -0.60 5.24 22.99
CA ASN B 132 -1.61 5.83 23.85
C ASN B 132 -2.34 4.73 24.61
N LYS B 133 -1.60 4.66 25.73
CA LYS B 133 -1.78 3.89 26.95
C LYS B 133 -0.40 3.83 27.62
N SER B 134 0.72 3.85 26.91
CA SER B 134 2.01 3.72 27.54
C SER B 134 2.65 4.92 28.25
N SER B 135 3.02 6.02 27.57
CA SER B 135 3.87 7.03 28.17
C SER B 135 4.49 7.75 26.99
N GLU B 136 5.16 8.87 27.24
CA GLU B 136 5.66 9.72 26.20
C GLU B 136 6.75 9.20 25.32
N LEU B 137 7.70 8.27 25.60
CA LEU B 137 8.91 8.10 24.72
C LEU B 137 8.97 8.62 23.25
N VAL B 138 9.85 9.57 22.98
CA VAL B 138 9.94 10.20 21.69
C VAL B 138 11.34 10.73 21.30
N SER B 139 11.88 10.20 20.20
CA SER B 139 13.18 10.65 19.69
C SER B 139 13.00 11.73 18.63
N ALA B 140 14.10 12.39 18.28
CA ALA B 140 14.17 13.37 17.18
C ALA B 140 15.57 13.29 16.60
N ASN B 141 15.85 13.50 15.33
CA ASN B 141 17.23 13.48 14.87
C ASN B 141 17.32 14.73 14.05
N ARG B 142 18.43 15.45 14.01
CA ARG B 142 18.45 16.66 13.21
C ARG B 142 19.86 16.94 12.76
N LEU B 143 20.00 17.33 11.50
CA LEU B 143 21.31 17.66 10.97
C LEU B 143 21.29 19.14 10.69
N PHE B 144 22.25 19.80 11.28
CA PHE B 144 22.42 21.20 11.08
C PHE B 144 23.74 21.36 10.32
N GLY B 145 23.65 21.83 9.07
CA GLY B 145 24.78 21.97 8.17
C GLY B 145 25.05 23.42 7.76
N ASP B 146 26.32 23.73 7.52
CA ASP B 146 26.70 25.08 7.17
C ASP B 146 26.38 25.47 5.73
N LYS B 147 26.01 26.74 5.68
CA LYS B 147 25.58 27.52 4.54
C LYS B 147 25.98 27.16 3.11
N SER B 148 27.25 26.82 2.96
CA SER B 148 27.91 26.56 1.70
C SER B 148 28.00 25.11 1.20
N ILE B 149 28.10 24.25 2.20
CA ILE B 149 28.50 22.89 1.97
C ILE B 149 27.44 22.02 1.29
N THR B 150 27.58 21.74 0.00
CA THR B 150 26.73 20.83 -0.78
C THR B 150 26.72 19.39 -0.19
N PHE B 151 25.94 19.17 0.85
CA PHE B 151 25.82 17.86 1.45
C PHE B 151 25.14 16.92 0.49
N ASN B 152 25.86 15.83 0.29
CA ASN B 152 25.54 14.82 -0.68
C ASN B 152 24.08 14.40 -0.59
N GLU B 153 23.26 14.77 -1.54
CA GLU B 153 21.85 14.42 -1.52
C GLU B 153 21.52 12.95 -1.22
N THR B 154 22.30 11.90 -1.46
CA THR B 154 21.86 10.57 -1.04
C THR B 154 22.17 10.43 0.43
N TYR B 155 23.22 11.04 1.00
CA TYR B 155 23.40 10.99 2.45
C TYR B 155 22.22 11.76 3.01
N GLN B 156 21.77 12.83 2.39
CA GLN B 156 20.57 13.50 2.83
C GLN B 156 19.36 12.58 2.76
N ASP B 157 19.28 11.83 1.68
CA ASP B 157 18.17 10.94 1.44
C ASP B 157 18.02 9.89 2.47
N ILE B 158 19.08 9.12 2.73
CA ILE B 158 18.92 7.99 3.63
C ILE B 158 18.93 8.42 5.12
N SER B 159 19.43 9.62 5.47
CA SER B 159 19.20 10.19 6.77
C SER B 159 17.70 10.34 6.94
N GLU B 160 16.92 11.07 6.13
CA GLU B 160 15.49 11.20 6.38
C GLU B 160 14.63 9.96 6.45
N VAL B 161 14.70 9.08 5.47
CA VAL B 161 13.83 7.92 5.51
C VAL B 161 14.23 6.95 6.60
N VAL B 162 15.51 6.89 7.01
CA VAL B 162 15.84 5.96 8.09
C VAL B 162 15.87 6.62 9.47
N TYR B 163 16.59 7.72 9.61
CA TYR B 163 16.68 8.35 10.91
C TYR B 163 15.69 9.49 10.99
N GLY B 164 15.12 10.02 9.92
CA GLY B 164 14.19 11.15 10.05
C GLY B 164 14.84 12.52 10.21
N ALA B 165 16.10 12.61 9.83
CA ALA B 165 16.75 13.89 9.96
C ALA B 165 16.75 14.58 8.63
N LYS B 166 16.23 15.78 8.73
CA LYS B 166 16.22 16.67 7.61
C LYS B 166 17.44 17.58 7.82
N LEU B 167 18.29 17.85 6.83
CA LEU B 167 19.26 18.97 6.91
C LEU B 167 18.52 20.26 7.20
N GLN B 168 19.14 21.07 8.00
CA GLN B 168 18.61 22.38 8.29
C GLN B 168 19.80 23.32 8.35
N PRO B 169 20.02 24.08 7.28
CA PRO B 169 21.16 24.97 7.20
C PRO B 169 21.26 25.92 8.36
N LEU B 170 22.52 26.22 8.64
CA LEU B 170 22.98 27.14 9.71
C LEU B 170 24.26 27.81 9.25
N ASP B 171 24.41 29.03 9.65
CA ASP B 171 25.55 29.85 9.28
C ASP B 171 26.59 29.79 10.41
N PHE B 172 27.31 28.60 10.35
CA PHE B 172 28.38 28.31 11.33
C PHE B 172 29.59 29.20 11.06
N LYS B 173 29.79 29.36 9.75
CA LYS B 173 30.88 30.12 9.18
C LYS B 173 30.79 31.55 9.67
N GLY B 174 29.82 32.27 9.10
CA GLY B 174 29.59 33.66 9.43
C GLY B 174 28.88 33.78 10.77
N ASN B 175 29.67 33.69 11.84
CA ASN B 175 29.24 33.80 13.22
C ASN B 175 28.38 32.57 13.63
N ALA B 176 29.21 31.76 14.29
CA ALA B 176 28.80 30.47 14.84
C ALA B 176 28.00 30.47 16.14
N GLU B 177 28.36 31.23 17.18
CA GLU B 177 27.64 31.13 18.46
C GLU B 177 26.15 31.33 18.30
N GLN B 178 25.65 32.23 17.44
CA GLN B 178 24.21 32.34 17.25
C GLN B 178 23.74 30.97 16.73
N SER B 179 24.34 30.39 15.70
CA SER B 179 23.93 29.09 15.26
C SER B 179 24.09 28.08 16.41
N ARG B 180 25.13 28.16 17.26
CA ARG B 180 25.35 27.20 18.33
C ARG B 180 24.16 27.21 19.28
N LEU B 181 23.80 28.42 19.68
CA LEU B 181 22.67 28.62 20.54
C LEU B 181 21.44 28.09 19.83
N THR B 182 21.27 28.25 18.52
CA THR B 182 20.09 27.70 17.87
C THR B 182 19.97 26.18 18.03
N ILE B 183 21.06 25.44 17.83
CA ILE B 183 21.05 23.99 17.96
C ILE B 183 20.74 23.65 19.42
N ASN B 184 21.44 24.22 20.41
CA ASN B 184 21.12 24.05 21.84
C ASN B 184 19.65 24.15 22.21
N GLN B 185 19.08 25.30 21.77
CA GLN B 185 17.69 25.63 22.01
C GLN B 185 16.78 24.63 21.28
N TRP B 186 17.21 24.00 20.18
CA TRP B 186 16.43 22.98 19.50
C TRP B 186 16.29 21.74 20.38
N ILE B 187 17.44 21.36 20.95
CA ILE B 187 17.51 20.15 21.77
C ILE B 187 16.57 20.40 22.92
N SER B 188 16.79 21.53 23.61
CA SER B 188 15.91 21.95 24.67
C SER B 188 14.47 21.73 24.28
N ASN B 189 14.12 22.31 23.13
CA ASN B 189 12.77 22.26 22.60
C ASN B 189 12.19 20.88 22.53
N LYS B 190 12.91 19.98 21.87
CA LYS B 190 12.43 18.61 21.72
C LYS B 190 12.43 17.76 22.98
N THR B 191 13.14 18.19 24.02
CA THR B 191 13.18 17.45 25.27
C THR B 191 12.46 18.15 26.42
N GLU B 192 11.48 18.97 26.04
CA GLU B 192 10.58 19.70 26.94
C GLU B 192 11.32 20.56 27.97
N GLY B 193 12.32 21.24 27.43
CA GLY B 193 13.09 22.15 28.21
C GLY B 193 14.01 21.44 29.18
N ARG B 194 13.95 20.10 29.29
CA ARG B 194 14.80 19.37 30.21
C ARG B 194 16.26 19.48 29.80
N ILE B 195 16.60 19.08 28.56
CA ILE B 195 18.01 19.11 28.19
C ILE B 195 18.35 20.46 27.61
N THR B 196 18.80 21.36 28.44
CA THR B 196 19.21 22.64 27.95
C THR B 196 20.70 22.64 27.80
N ASP B 197 21.25 23.68 27.16
CA ASP B 197 22.70 23.95 27.07
C ASP B 197 23.70 22.78 26.88
N VAL B 198 23.44 21.80 26.00
CA VAL B 198 24.37 20.71 25.80
C VAL B 198 25.61 21.11 25.01
N ILE B 199 25.48 21.65 23.79
CA ILE B 199 26.62 21.94 22.95
C ILE B 199 27.21 23.26 23.44
N PRO B 200 28.41 23.12 24.00
CA PRO B 200 29.04 24.13 24.81
C PRO B 200 29.80 25.12 23.94
N PRO B 201 30.30 26.26 24.46
CA PRO B 201 31.02 27.28 23.71
C PRO B 201 32.28 26.83 22.98
N GLN B 202 32.53 27.45 21.84
CA GLN B 202 33.71 27.22 21.01
C GLN B 202 33.86 25.81 20.40
N ALA B 203 33.07 24.79 20.75
CA ALA B 203 33.08 23.51 20.02
C ALA B 203 32.47 23.72 18.65
N ILE B 204 31.49 24.64 18.57
CA ILE B 204 30.91 25.09 17.32
C ILE B 204 31.60 26.40 17.06
N ASN B 205 32.41 26.38 16.03
CA ASN B 205 33.20 27.53 15.64
C ASN B 205 33.04 27.61 14.13
N GLU B 206 33.58 28.65 13.50
CA GLU B 206 33.38 28.81 12.06
C GLU B 206 33.93 27.74 11.11
N PHE B 207 34.42 26.60 11.59
CA PHE B 207 34.86 25.52 10.74
C PHE B 207 33.96 24.29 10.81
N THR B 208 33.09 24.21 11.83
CA THR B 208 32.27 23.01 11.98
C THR B 208 31.33 22.94 10.78
N VAL B 209 31.16 21.80 10.08
CA VAL B 209 30.32 21.82 8.88
C VAL B 209 29.01 21.07 9.00
N LEU B 210 28.86 20.13 9.96
CA LEU B 210 27.66 19.33 10.12
C LEU B 210 27.58 19.09 11.59
N VAL B 211 26.42 19.27 12.18
CA VAL B 211 26.19 18.90 13.56
C VAL B 211 25.02 17.91 13.44
N LEU B 212 25.20 16.63 13.77
CA LEU B 212 24.10 15.66 13.71
C LEU B 212 23.53 15.57 15.11
N VAL B 213 22.25 15.63 15.46
CA VAL B 213 21.89 15.51 16.85
C VAL B 213 20.80 14.48 16.99
N ASN B 214 20.73 13.89 18.17
CA ASN B 214 19.70 12.94 18.46
C ASN B 214 19.12 13.40 19.78
N THR B 215 17.83 13.19 19.90
CA THR B 215 17.10 13.56 21.07
C THR B 215 16.27 12.35 21.44
N ILE B 216 16.13 12.11 22.74
CA ILE B 216 15.15 11.18 23.25
C ILE B 216 14.56 11.91 24.43
N TYR B 217 13.25 11.84 24.61
CA TYR B 217 12.61 12.32 25.82
C TYR B 217 11.56 11.27 26.17
N PHE B 218 11.24 11.11 27.45
CA PHE B 218 10.32 10.09 27.95
C PHE B 218 9.73 10.63 29.23
N LYS B 219 8.46 10.38 29.41
CA LYS B 219 7.81 10.74 30.66
C LYS B 219 6.88 9.57 30.85
N GLY B 220 6.67 9.07 32.05
CA GLY B 220 5.78 7.94 32.23
C GLY B 220 5.27 7.84 33.64
N LEU B 221 3.96 7.76 33.76
CA LEU B 221 3.32 7.64 35.07
C LEU B 221 3.54 6.21 35.55
N TRP B 222 3.75 5.91 36.84
CA TRP B 222 3.99 4.53 37.21
C TRP B 222 2.66 3.85 37.12
N LYS B 223 2.75 2.53 37.07
CA LYS B 223 1.55 1.75 37.15
C LYS B 223 1.13 1.86 38.64
N SER B 224 1.96 1.42 39.60
CA SER B 224 1.64 1.42 41.02
C SER B 224 2.21 2.69 41.63
N LYS B 225 1.43 3.67 42.03
CA LYS B 225 2.01 4.95 42.43
C LYS B 225 2.52 4.99 43.84
N PHE B 226 3.64 5.69 44.04
CA PHE B 226 4.11 5.92 45.39
C PHE B 226 3.20 6.97 46.00
N SER B 227 2.52 6.68 47.10
CA SER B 227 1.62 7.61 47.75
C SER B 227 2.25 8.83 48.46
N PRO B 228 2.03 10.08 48.03
CA PRO B 228 2.82 11.25 48.37
C PRO B 228 2.94 11.47 49.85
N GLU B 229 1.78 11.50 50.53
CA GLU B 229 1.77 11.76 51.96
C GLU B 229 2.50 10.71 52.77
N ASN B 230 2.68 9.44 52.33
CA ASN B 230 3.50 8.58 53.15
C ASN B 230 4.88 8.32 52.55
N THR B 231 5.49 9.48 52.27
CA THR B 231 6.90 9.62 51.88
C THR B 231 7.44 10.25 53.15
N ARG B 232 8.53 9.74 53.70
CA ARG B 232 9.08 10.21 54.97
C ARG B 232 10.55 10.49 54.73
N LYS B 233 11.26 11.43 55.36
CA LYS B 233 12.69 11.53 55.06
C LYS B 233 13.49 10.38 55.59
N GLU B 234 14.61 10.06 54.99
CA GLU B 234 15.45 8.95 55.39
C GLU B 234 16.90 9.19 54.99
N LEU B 235 17.80 8.44 55.63
CA LEU B 235 19.19 8.62 55.32
C LEU B 235 19.54 7.69 54.20
N PHE B 236 20.16 8.30 53.18
CA PHE B 236 20.61 7.53 52.04
C PHE B 236 21.86 6.68 52.23
N TYR B 237 23.02 7.21 52.65
CA TYR B 237 24.31 6.48 52.81
C TYR B 237 25.02 6.36 51.48
N LYS B 238 25.74 7.45 51.30
CA LYS B 238 26.45 7.60 50.06
C LYS B 238 27.66 6.67 50.03
N ALA B 239 28.21 6.54 48.82
CA ALA B 239 29.35 5.68 48.58
C ALA B 239 30.52 6.05 49.49
N ASP B 240 30.81 7.33 49.67
CA ASP B 240 31.87 7.72 50.57
C ASP B 240 31.53 7.43 52.05
N GLY B 241 30.61 6.52 52.44
CA GLY B 241 30.26 6.29 53.83
C GLY B 241 29.30 7.39 54.33
N GLU B 242 29.75 8.64 54.18
CA GLU B 242 29.02 9.86 54.50
C GLU B 242 27.57 9.75 54.01
N SER B 243 26.62 10.18 54.83
CA SER B 243 25.23 10.00 54.54
C SER B 243 24.53 11.24 54.06
N CYS B 244 23.38 10.95 53.45
CA CYS B 244 22.51 11.92 52.77
C CYS B 244 21.14 11.90 53.44
N SER B 245 20.50 13.06 53.57
CA SER B 245 19.14 13.17 54.10
C SER B 245 18.33 13.17 52.81
N VAL B 246 17.35 12.30 52.55
CA VAL B 246 16.70 12.27 51.26
C VAL B 246 15.29 11.75 51.32
N LEU B 247 14.32 12.37 50.63
CA LEU B 247 12.91 11.96 50.75
C LEU B 247 12.75 10.58 50.24
N MET B 248 12.05 9.73 50.95
CA MET B 248 12.03 8.34 50.58
C MET B 248 10.65 7.83 50.40
N MET B 249 10.48 7.32 49.21
CA MET B 249 9.16 6.87 48.84
C MET B 249 8.95 5.48 49.41
N TYR B 250 7.70 5.17 49.78
CA TYR B 250 7.31 3.91 50.40
C TYR B 250 6.17 3.28 49.61
N GLN B 251 6.23 1.97 49.36
CA GLN B 251 5.18 1.27 48.65
C GLN B 251 5.26 -0.23 48.90
N GLU B 252 4.18 -0.86 49.36
CA GLU B 252 4.16 -2.29 49.55
C GLU B 252 3.22 -2.71 48.44
N SER B 253 3.64 -3.54 47.49
CA SER B 253 2.81 -3.94 46.36
C SER B 253 3.53 -5.07 45.65
N LYS B 254 2.99 -5.49 44.51
CA LYS B 254 3.55 -6.58 43.71
C LYS B 254 4.35 -6.00 42.55
N PHE B 255 5.51 -6.58 42.30
CA PHE B 255 6.37 -6.21 41.18
C PHE B 255 7.22 -7.41 40.99
N ARG B 256 7.71 -7.49 39.73
CA ARG B 256 8.65 -8.54 39.34
C ARG B 256 9.90 -8.24 40.14
N TYR B 257 10.65 -9.24 40.59
CA TYR B 257 11.81 -9.01 41.44
C TYR B 257 12.73 -10.21 41.42
N ARG B 258 14.06 -10.17 41.48
CA ARG B 258 14.81 -11.40 41.68
C ARG B 258 15.99 -11.14 42.57
N ARG B 259 16.31 -12.05 43.49
CA ARG B 259 17.50 -11.88 44.33
C ARG B 259 18.43 -12.83 43.63
N VAL B 260 19.53 -12.33 43.14
CA VAL B 260 20.40 -13.20 42.36
C VAL B 260 21.72 -13.50 43.08
N ALA B 261 22.79 -13.81 42.33
CA ALA B 261 24.13 -13.99 42.89
C ALA B 261 24.59 -12.71 43.58
N GLU B 262 25.27 -13.00 44.69
CA GLU B 262 25.70 -12.02 45.67
C GLU B 262 24.52 -11.18 46.12
N SER B 263 23.34 -11.81 46.01
CA SER B 263 22.06 -11.22 46.32
C SER B 263 21.80 -9.77 45.89
N THR B 264 22.19 -9.53 44.64
CA THR B 264 21.89 -8.28 43.98
C THR B 264 20.36 -8.34 43.76
N GLN B 265 19.70 -7.19 43.82
CA GLN B 265 18.26 -7.18 43.76
C GLN B 265 17.76 -6.49 42.53
N VAL B 266 17.11 -7.24 41.65
CA VAL B 266 16.61 -6.69 40.41
C VAL B 266 15.11 -6.52 40.50
N LEU B 267 14.72 -5.31 40.77
CA LEU B 267 13.32 -4.93 40.92
C LEU B 267 12.89 -4.37 39.58
N GLU B 268 11.69 -4.66 39.10
CA GLU B 268 11.26 -4.14 37.84
C GLU B 268 10.10 -3.23 38.15
N LEU B 269 10.14 -1.95 37.92
CA LEU B 269 8.99 -1.11 38.20
C LEU B 269 8.29 -0.66 36.92
N PRO B 270 7.19 -1.27 36.43
CA PRO B 270 6.56 -0.91 35.17
C PRO B 270 5.77 0.37 35.25
N PHE B 271 5.93 1.07 34.15
CA PHE B 271 5.22 2.30 33.89
C PHE B 271 3.92 1.96 33.20
N LYS B 272 3.15 3.03 33.10
CA LYS B 272 1.86 3.08 32.44
C LYS B 272 1.89 2.31 31.13
N GLY B 273 0.87 1.50 30.95
CA GLY B 273 0.69 0.79 29.72
C GLY B 273 1.82 -0.16 29.33
N ASP B 274 2.57 -0.66 30.33
CA ASP B 274 3.53 -1.78 30.21
C ASP B 274 4.55 -1.96 29.09
N ASP B 275 5.07 -0.88 28.48
CA ASP B 275 6.05 -0.99 27.42
C ASP B 275 7.45 -0.74 27.98
N ILE B 276 7.51 0.31 28.77
CA ILE B 276 8.78 0.72 29.32
C ILE B 276 8.68 0.44 30.79
N THR B 277 9.78 -0.09 31.27
CA THR B 277 10.01 -0.46 32.66
C THR B 277 11.14 0.36 33.27
N MET B 278 11.27 0.56 34.59
CA MET B 278 12.47 1.12 35.19
C MET B 278 13.06 -0.04 35.94
N VAL B 279 14.18 -0.67 35.63
CA VAL B 279 14.65 -1.73 36.52
C VAL B 279 15.60 -1.18 37.58
N LEU B 280 15.57 -1.57 38.85
CA LEU B 280 16.56 -1.06 39.77
C LEU B 280 17.44 -2.22 40.16
N ILE B 281 18.74 -1.97 40.29
CA ILE B 281 19.65 -3.01 40.71
C ILE B 281 20.31 -2.41 41.92
N LEU B 282 20.11 -3.04 43.07
CA LEU B 282 20.74 -2.61 44.31
C LEU B 282 21.55 -3.77 44.80
N PRO B 283 22.89 -3.70 44.92
CA PRO B 283 23.75 -4.84 45.27
C PRO B 283 23.72 -5.18 46.76
N LYS B 284 24.26 -6.31 47.24
CA LYS B 284 24.17 -6.57 48.68
C LYS B 284 25.01 -5.59 49.46
N LEU B 285 24.59 -5.35 50.70
CA LEU B 285 25.32 -4.54 51.67
C LEU B 285 26.82 -4.87 51.82
N GLU B 286 27.12 -6.17 52.03
CA GLU B 286 28.51 -6.56 52.17
C GLU B 286 28.92 -6.88 50.74
N LYS B 287 28.76 -5.94 49.83
CA LYS B 287 29.01 -6.13 48.40
C LYS B 287 29.01 -4.68 47.91
N THR B 288 29.65 -4.37 46.79
CA THR B 288 29.65 -2.99 46.35
C THR B 288 29.02 -2.91 44.98
N LEU B 289 28.45 -1.72 44.70
CA LEU B 289 27.90 -1.49 43.39
C LEU B 289 29.10 -1.51 42.45
N ALA B 290 30.20 -0.91 42.92
CA ALA B 290 31.41 -0.85 42.13
C ALA B 290 31.91 -2.19 41.58
N LYS B 291 31.54 -3.34 42.13
CA LYS B 291 31.97 -4.55 41.49
C LYS B 291 30.94 -4.86 40.40
N VAL B 292 29.65 -4.86 40.74
CA VAL B 292 28.62 -5.28 39.80
C VAL B 292 28.64 -4.50 38.51
N GLU B 293 28.94 -3.21 38.60
CA GLU B 293 29.10 -2.37 37.42
C GLU B 293 30.07 -3.02 36.46
N GLN B 294 31.29 -3.25 36.93
CA GLN B 294 32.41 -3.79 36.16
C GLN B 294 32.36 -5.33 36.24
N GLU B 295 31.20 -5.83 35.86
CA GLU B 295 30.89 -7.25 35.90
C GLU B 295 29.58 -7.37 35.11
N LEU B 296 28.81 -6.28 34.98
CA LEU B 296 27.64 -6.19 34.14
C LEU B 296 28.00 -6.72 32.78
N THR B 297 27.57 -7.91 32.44
CA THR B 297 27.83 -8.46 31.13
C THR B 297 26.49 -8.35 30.44
N PRO B 298 26.28 -7.97 29.19
CA PRO B 298 24.96 -7.73 28.59
C PRO B 298 23.97 -8.87 28.69
N ASP B 299 24.51 -10.08 28.84
CA ASP B 299 23.68 -11.27 28.97
C ASP B 299 23.12 -11.44 30.40
N MET B 300 23.70 -10.69 31.32
CA MET B 300 23.19 -10.61 32.65
C MET B 300 22.11 -9.53 32.55
N LEU B 301 21.12 -10.26 32.14
CA LEU B 301 19.80 -9.86 31.89
C LEU B 301 19.16 -11.16 32.38
N GLN B 302 19.72 -12.46 32.41
CA GLN B 302 19.19 -13.61 33.17
C GLN B 302 18.24 -13.13 34.25
N GLU B 303 18.83 -12.32 35.10
CA GLU B 303 18.15 -11.68 36.21
C GLU B 303 16.78 -11.21 35.70
N TRP B 304 16.87 -10.33 34.77
CA TRP B 304 15.75 -9.69 34.09
C TRP B 304 14.77 -10.67 33.44
N LEU B 305 15.33 -11.68 32.80
CA LEU B 305 14.55 -12.63 32.03
C LEU B 305 14.04 -13.81 32.87
N ASP B 306 14.31 -13.78 34.15
CA ASP B 306 13.78 -14.80 35.06
C ASP B 306 12.99 -14.09 36.16
N GLU B 307 12.66 -12.82 35.73
CA GLU B 307 11.95 -11.87 36.59
C GLU B 307 10.43 -11.97 36.50
N LEU B 308 9.97 -13.09 35.94
CA LEU B 308 8.57 -13.43 35.70
C LEU B 308 7.85 -13.93 36.97
N THR B 309 8.12 -13.21 38.03
CA THR B 309 7.69 -13.64 39.33
C THR B 309 7.37 -12.29 39.92
N GLU B 310 6.09 -12.01 40.11
CA GLU B 310 5.73 -10.95 41.03
C GLU B 310 6.18 -11.39 42.42
N THR B 311 6.37 -10.52 43.40
CA THR B 311 6.35 -11.02 44.77
C THR B 311 5.58 -9.94 45.50
N LEU B 312 5.07 -10.23 46.72
CA LEU B 312 4.47 -9.12 47.42
C LEU B 312 5.75 -8.46 47.95
N LEU B 313 5.86 -7.14 47.83
CA LEU B 313 7.10 -6.49 48.18
C LEU B 313 6.93 -5.08 48.77
N VAL B 314 7.75 -4.70 49.65
CA VAL B 314 7.99 -3.40 50.26
C VAL B 314 9.15 -2.70 49.56
N VAL B 315 8.91 -1.50 49.08
CA VAL B 315 9.95 -0.75 48.37
C VAL B 315 10.11 0.66 48.93
N HIS B 316 11.34 0.97 49.33
CA HIS B 316 11.72 2.33 49.70
C HIS B 316 12.75 2.78 48.70
N MET B 317 12.49 3.84 47.99
CA MET B 317 13.49 4.31 47.04
C MET B 317 13.46 5.84 47.01
N PRO B 318 14.63 6.48 46.87
CA PRO B 318 14.73 7.92 46.98
C PRO B 318 13.84 8.60 45.98
N ARG B 319 13.43 9.81 46.24
CA ARG B 319 12.67 10.49 45.23
C ARG B 319 13.71 11.45 44.72
N PHE B 320 14.53 11.01 43.78
CA PHE B 320 15.65 11.81 43.29
C PHE B 320 15.56 12.44 41.91
N ARG B 321 16.52 13.26 41.54
CA ARG B 321 16.59 13.83 40.22
C ARG B 321 18.07 13.95 39.95
N ILE B 322 18.65 13.12 39.09
CA ILE B 322 20.08 13.22 38.80
C ILE B 322 20.27 13.76 37.38
N GLU B 323 21.04 14.82 37.11
CA GLU B 323 21.22 15.36 35.77
C GLU B 323 22.70 15.06 35.43
N ASP B 324 23.22 15.01 34.20
CA ASP B 324 24.61 14.56 33.97
C ASP B 324 25.04 14.92 32.57
N SER B 325 26.30 15.24 32.28
CA SER B 325 26.78 15.52 30.93
C SER B 325 28.27 15.17 30.79
N PHE B 326 28.81 14.87 29.60
CA PHE B 326 30.18 14.44 29.44
C PHE B 326 30.52 14.51 27.97
N SER B 327 31.78 14.39 27.55
CA SER B 327 32.10 14.30 26.14
C SER B 327 32.43 12.85 25.81
N VAL B 328 31.59 12.26 24.96
CA VAL B 328 31.66 10.87 24.54
C VAL B 328 33.01 10.59 23.88
N LYS B 329 33.67 11.65 23.40
CA LYS B 329 34.97 11.64 22.75
C LYS B 329 35.96 10.67 23.33
N GLU B 330 36.32 10.85 24.60
CA GLU B 330 37.42 10.05 25.13
C GLU B 330 37.06 8.60 25.33
N GLN B 331 35.85 8.39 25.81
CA GLN B 331 35.37 7.05 26.13
C GLN B 331 35.39 6.14 24.93
N LEU B 332 35.01 6.74 23.80
CA LEU B 332 34.97 6.01 22.54
C LEU B 332 36.32 5.86 21.88
N GLN B 333 37.18 6.85 22.15
CA GLN B 333 38.56 6.87 21.65
C GLN B 333 39.28 5.65 22.18
N ASP B 334 39.18 5.43 23.51
CA ASP B 334 39.85 4.28 24.06
C ASP B 334 38.95 3.08 24.04
N MET B 335 37.70 3.25 23.61
CA MET B 335 36.90 2.05 23.35
C MET B 335 37.24 1.49 21.97
N GLY B 336 37.95 2.29 21.15
CA GLY B 336 38.40 1.88 19.83
C GLY B 336 38.09 2.84 18.68
N LEU B 337 37.21 3.83 18.78
CA LEU B 337 37.07 4.75 17.69
C LEU B 337 38.23 5.71 17.83
N GLU B 338 39.28 5.40 17.08
CA GLU B 338 40.46 6.26 17.05
C GLU B 338 40.37 7.29 15.97
N ASP B 339 40.03 6.73 14.81
CA ASP B 339 40.02 7.43 13.57
C ASP B 339 39.05 8.56 13.40
N LEU B 340 37.79 8.25 13.58
CA LEU B 340 36.73 9.20 13.38
C LEU B 340 37.00 10.61 13.94
N PHE B 341 37.83 10.75 14.98
CA PHE B 341 37.97 12.05 15.63
C PHE B 341 39.23 12.80 15.21
N SER B 342 40.07 12.22 14.34
CA SER B 342 41.23 12.96 13.95
C SER B 342 41.28 13.25 12.47
N PRO B 343 41.56 14.50 12.04
CA PRO B 343 41.58 14.93 10.65
C PRO B 343 42.52 14.15 9.74
N GLU B 344 43.62 13.62 10.28
CA GLU B 344 44.63 12.88 9.54
C GLU B 344 44.13 11.55 8.95
N LYS B 345 43.24 10.87 9.67
CA LYS B 345 42.89 9.54 9.24
C LYS B 345 41.43 9.20 9.28
N SER B 346 40.58 10.20 9.25
CA SER B 346 39.15 9.91 9.27
C SER B 346 38.65 9.61 7.88
N ARG B 347 37.54 8.91 7.66
CA ARG B 347 37.04 8.81 6.31
C ARG B 347 35.55 8.95 6.31
N LEU B 348 35.10 10.20 6.26
CA LEU B 348 33.69 10.51 6.10
C LEU B 348 33.28 10.98 4.69
N PRO B 349 33.56 10.36 3.53
CA PRO B 349 33.42 10.99 2.22
C PRO B 349 32.00 11.33 1.82
N GLY B 350 31.10 10.37 1.91
CA GLY B 350 29.73 10.58 1.49
C GLY B 350 28.90 11.62 2.24
N ILE B 351 29.33 12.45 3.22
CA ILE B 351 28.37 13.40 3.73
C ILE B 351 28.51 14.63 2.85
N VAL B 352 29.61 14.92 2.18
CA VAL B 352 29.62 16.08 1.30
C VAL B 352 29.82 15.65 -0.15
N ALA B 353 29.58 16.66 -0.98
CA ALA B 353 29.77 16.60 -2.42
C ALA B 353 30.56 17.87 -2.54
N GLU B 354 31.83 17.58 -2.68
CA GLU B 354 32.86 18.60 -2.79
C GLU B 354 34.09 17.78 -3.10
N GLY B 355 34.25 16.83 -2.18
CA GLY B 355 35.34 15.90 -2.25
C GLY B 355 34.90 14.56 -1.67
N ARG B 356 35.92 14.08 -0.95
CA ARG B 356 35.88 12.81 -0.27
C ARG B 356 36.45 12.94 1.16
N SER B 357 37.75 12.97 1.42
CA SER B 357 38.36 12.83 2.75
C SER B 357 38.87 14.08 3.52
N ASP B 358 38.31 14.57 4.63
CA ASP B 358 38.71 15.86 5.27
C ASP B 358 38.07 15.97 6.66
N LEU B 359 36.79 15.58 6.63
CA LEU B 359 35.88 15.54 7.75
C LEU B 359 36.18 14.63 8.90
N TYR B 360 36.17 15.19 10.12
CA TYR B 360 36.32 14.42 11.35
C TYR B 360 35.38 14.93 12.46
N VAL B 361 35.38 14.23 13.60
CA VAL B 361 34.51 14.55 14.72
C VAL B 361 35.35 15.32 15.73
N SER B 362 35.03 16.61 15.82
CA SER B 362 35.78 17.50 16.69
C SER B 362 35.36 17.19 18.11
N ASP B 363 34.04 17.03 18.29
CA ASP B 363 33.47 16.73 19.58
C ASP B 363 32.17 15.99 19.46
N ALA B 364 31.79 15.31 20.52
CA ALA B 364 30.58 14.54 20.47
C ALA B 364 30.17 14.56 21.92
N PHE B 365 29.10 15.28 22.26
CA PHE B 365 28.68 15.42 23.65
C PHE B 365 27.44 14.65 24.03
N HIS B 366 27.14 14.60 25.32
CA HIS B 366 25.96 13.93 25.81
C HIS B 366 25.46 14.66 27.05
N LYS B 367 24.17 14.79 27.29
CA LYS B 367 23.66 15.37 28.50
C LYS B 367 22.42 14.54 28.79
N ALA B 368 22.00 14.32 30.03
CA ALA B 368 20.88 13.46 30.37
C ALA B 368 20.13 14.06 31.52
N PHE B 369 19.00 13.49 31.90
CA PHE B 369 18.22 14.03 32.99
C PHE B 369 17.38 12.84 33.39
N LEU B 370 17.23 12.63 34.69
CA LEU B 370 16.34 11.63 35.23
C LEU B 370 15.66 12.34 36.36
N GLU B 371 14.38 12.11 36.57
CA GLU B 371 13.67 12.61 37.72
C GLU B 371 12.65 11.52 38.02
N VAL B 372 12.83 10.83 39.15
CA VAL B 372 11.96 9.74 39.58
C VAL B 372 11.19 10.39 40.70
N ASN B 373 9.91 10.07 40.83
CA ASN B 373 9.07 10.77 41.77
C ASN B 373 7.84 9.94 42.02
N GLU B 374 7.02 10.31 43.03
CA GLU B 374 5.81 9.61 43.47
C GLU B 374 4.93 9.15 42.33
N GLU B 375 4.69 10.16 41.50
CA GLU B 375 3.90 9.99 40.31
C GLU B 375 4.66 9.21 39.20
N GLY B 376 5.97 9.32 38.91
CA GLY B 376 6.56 8.57 37.79
C GLY B 376 7.90 9.15 37.33
N SER B 377 8.67 8.45 36.50
CA SER B 377 9.93 8.98 36.01
C SER B 377 9.81 9.81 34.76
N GLU B 378 10.56 10.89 34.67
CA GLU B 378 10.65 11.66 33.45
C GLU B 378 12.14 11.84 33.21
N ALA B 379 12.61 11.35 32.08
CA ALA B 379 14.01 11.39 31.75
C ALA B 379 14.20 11.91 30.34
N ALA B 380 15.34 12.46 29.99
CA ALA B 380 15.51 12.98 28.65
C ALA B 380 16.94 12.77 28.23
N ALA B 381 17.28 12.90 26.95
CA ALA B 381 18.62 12.61 26.48
C ALA B 381 18.97 13.38 25.22
N SER B 382 20.28 13.50 24.95
CA SER B 382 20.81 14.08 23.74
C SER B 382 22.26 13.63 23.51
N THR B 383 22.64 13.54 22.24
CA THR B 383 24.02 13.35 21.80
C THR B 383 24.11 14.42 20.74
N VAL B 384 25.26 15.07 20.52
CA VAL B 384 25.40 16.07 19.46
C VAL B 384 26.86 15.94 19.02
N ILE B 385 27.07 15.54 17.78
CA ILE B 385 28.38 15.32 17.19
C ILE B 385 28.76 16.46 16.25
N SER B 386 29.79 17.27 16.45
CA SER B 386 30.09 18.27 15.45
C SER B 386 31.18 17.76 14.50
N ILE B 387 30.82 17.47 13.26
CA ILE B 387 31.79 17.14 12.24
C ILE B 387 32.45 18.46 11.77
N ALA B 388 33.74 18.50 11.49
CA ALA B 388 34.41 19.69 11.00
C ALA B 388 35.44 19.16 10.05
N GLY B 389 35.91 20.09 9.23
CA GLY B 389 37.00 19.77 8.32
C GLY B 389 38.28 20.08 9.07
N ARG B 390 39.41 19.60 8.56
CA ARG B 390 40.70 20.03 9.11
C ARG B 390 41.01 21.50 8.76
N SER B 391 40.38 21.80 7.63
CA SER B 391 40.33 23.04 6.90
C SER B 391 39.70 24.21 7.66
N LEU B 392 39.96 25.36 7.29
N ASN B 393 4.43 -6.14 56.35
CA ASN B 393 5.70 -6.32 57.04
C ASN B 393 6.80 -6.72 56.06
N SER B 394 8.03 -6.53 56.52
CA SER B 394 9.27 -6.90 55.86
C SER B 394 9.47 -8.43 55.83
N ASP B 395 8.45 -9.20 56.30
CA ASP B 395 8.34 -10.64 56.10
C ASP B 395 8.27 -10.80 54.58
N ARG B 396 7.74 -9.78 53.88
CA ARG B 396 7.78 -9.75 52.43
C ARG B 396 9.18 -9.16 52.14
N VAL B 397 9.76 -9.47 50.99
CA VAL B 397 11.14 -9.20 50.66
C VAL B 397 11.94 -7.90 50.88
N THR B 398 11.25 -6.77 50.93
CA THR B 398 11.84 -5.41 51.09
C THR B 398 13.09 -4.86 50.39
N PHE B 399 12.71 -4.22 49.27
CA PHE B 399 13.62 -3.54 48.41
C PHE B 399 13.88 -2.17 49.03
N LYS B 400 14.93 -2.04 49.83
CA LYS B 400 15.24 -0.75 50.44
C LYS B 400 16.51 -0.18 49.82
N ALA B 401 16.32 0.83 49.01
CA ALA B 401 17.41 1.44 48.29
C ALA B 401 17.94 2.71 48.90
N ASN B 402 18.85 2.57 49.82
CA ASN B 402 19.51 3.68 50.45
C ASN B 402 20.96 3.27 50.51
N ARG B 403 21.58 3.45 49.36
CA ARG B 403 23.00 3.26 49.07
C ARG B 403 22.94 3.12 47.56
N PRO B 404 23.89 3.65 46.83
CA PRO B 404 23.86 3.79 45.41
C PRO B 404 23.46 2.50 44.74
N PHE B 405 22.47 2.69 43.83
CA PHE B 405 21.86 1.65 43.01
C PHE B 405 22.00 2.06 41.57
N LEU B 406 21.96 1.01 40.75
CA LEU B 406 22.03 1.09 39.29
C LEU B 406 20.60 1.25 38.78
N VAL B 407 20.30 2.19 37.88
CA VAL B 407 18.96 2.38 37.33
C VAL B 407 19.13 2.04 35.85
N LEU B 408 18.04 1.71 35.18
CA LEU B 408 18.05 1.21 33.80
C LEU B 408 16.69 1.53 33.17
N ILE B 409 16.21 2.72 32.72
CA ILE B 409 14.85 2.74 32.15
C ILE B 409 14.89 1.92 30.86
N ARG B 410 13.93 1.10 30.45
CA ARG B 410 14.09 0.36 29.20
C ARG B 410 12.80 -0.08 28.48
N GLU B 411 12.86 -0.55 27.22
CA GLU B 411 11.68 -0.99 26.49
C GLU B 411 11.78 -2.51 26.42
N VAL B 412 10.77 -3.13 27.05
CA VAL B 412 10.70 -4.57 27.35
C VAL B 412 10.67 -5.40 26.09
N ALA B 413 9.65 -5.18 25.25
CA ALA B 413 9.41 -5.96 24.05
C ALA B 413 10.55 -6.05 23.03
N LEU B 414 11.48 -5.11 23.04
CA LEU B 414 12.67 -5.17 22.20
C LEU B 414 13.92 -5.19 23.12
N ASN B 415 13.82 -5.48 24.42
CA ASN B 415 14.87 -5.40 25.45
C ASN B 415 15.95 -4.32 25.31
N THR B 416 15.45 -3.23 24.76
CA THR B 416 16.27 -2.09 24.47
C THR B 416 16.64 -1.31 25.72
N ILE B 417 17.89 -1.16 26.12
CA ILE B 417 18.20 -0.28 27.23
C ILE B 417 17.94 1.14 26.69
N ILE B 418 16.92 1.86 27.14
CA ILE B 418 16.75 3.21 26.65
C ILE B 418 17.66 4.12 27.46
N PHE B 419 17.62 4.13 28.80
CA PHE B 419 18.47 5.02 29.58
C PHE B 419 19.08 4.19 30.66
N MET B 420 20.23 4.54 31.21
CA MET B 420 20.92 3.74 32.21
C MET B 420 21.61 4.71 33.15
N GLY B 421 21.81 4.37 34.40
CA GLY B 421 22.48 5.28 35.28
C GLY B 421 22.90 4.55 36.52
N ARG B 422 23.66 5.27 37.33
CA ARG B 422 24.08 4.88 38.65
C ARG B 422 23.70 6.11 39.44
N VAL B 423 22.83 6.04 40.42
CA VAL B 423 22.63 7.20 41.23
C VAL B 423 23.35 6.80 42.50
N ALA B 424 24.33 7.63 42.76
CA ALA B 424 25.19 7.44 43.89
C ALA B 424 24.86 8.48 44.94
N ASN B 425 24.12 9.54 44.59
CA ASN B 425 23.93 10.61 45.54
C ASN B 425 22.68 11.40 45.28
N PRO B 426 21.59 11.14 45.98
CA PRO B 426 20.32 11.80 45.76
C PRO B 426 20.03 13.13 46.47
N CYS B 427 21.04 13.87 46.95
CA CYS B 427 20.70 15.07 47.69
C CYS B 427 21.28 16.30 47.03
N VAL B 428 20.70 17.45 47.40
CA VAL B 428 20.96 18.76 46.79
C VAL B 428 22.26 19.52 47.13
N ASP B 429 22.32 20.72 46.55
CA ASP B 429 23.40 21.69 46.63
C ASP B 429 22.69 22.96 47.09
#